data_4CSO
#
_entry.id   4CSO
#
_cell.length_a   97.318
_cell.length_b   101.472
_cell.length_c   170.784
_cell.angle_alpha   90.00
_cell.angle_beta   90.00
_cell.angle_gamma   90.00
#
_symmetry.space_group_name_H-M   'C 2 2 21'
#
loop_
_entity.id
_entity.type
_entity.pdbx_description
1 polymer 'ORFY PROTEIN, TRANSCRIPTION FACTOR'
2 water water
#
_entity_poly.entity_id   1
_entity_poly.type   'polypeptide(L)'
_entity_poly.pdbx_seq_one_letter_code
;ADLDSKAKSPFVFKSAYYLSLYTKRRARNLRQLAEGIRAADPGVIFHHVFHVVFAKHLLHPYYTNDFARWVGEELNDDDL
AIELSSISGAEPATVEDVRRELLAVLEPRADERAARREFVFVSMVPIVYEVGLKAETLAEFLDAVAAAPPESVAYHFVTA
RVLYGNGRNDFSRWLVEEFGLTSAADALSRIDPLIYNDERQLKSEVVRTLERADSA
;
_entity_poly.pdbx_strand_id   A,B,C,D
#
# COMPACT_ATOMS: atom_id res chain seq x y z
N ALA A 1 -6.56 -11.17 43.18
CA ALA A 1 -7.20 -9.94 43.66
C ALA A 1 -8.01 -9.27 42.55
N ASP A 2 -8.32 -7.99 42.75
CA ASP A 2 -9.02 -7.16 41.76
C ASP A 2 -8.24 -7.18 40.45
N LEU A 3 -7.00 -6.71 40.53
CA LEU A 3 -6.14 -6.52 39.39
C LEU A 3 -5.39 -7.79 39.00
N ASP A 4 -5.44 -8.79 39.87
CA ASP A 4 -4.68 -10.02 39.61
C ASP A 4 -5.52 -11.01 38.81
N SER A 5 -6.82 -10.72 38.71
CA SER A 5 -7.74 -11.50 37.90
C SER A 5 -7.19 -11.54 36.50
N LYS A 6 -7.32 -12.68 35.83
CA LYS A 6 -6.76 -12.80 34.48
C LYS A 6 -7.80 -12.99 33.41
N ALA A 7 -7.41 -12.65 32.19
CA ALA A 7 -8.29 -12.79 31.05
C ALA A 7 -7.91 -14.02 30.27
N LYS A 8 -8.96 -14.67 29.80
CA LYS A 8 -8.88 -15.78 28.87
C LYS A 8 -7.98 -15.48 27.70
N SER A 9 -8.32 -14.38 27.03
CA SER A 9 -7.59 -13.86 25.89
C SER A 9 -6.83 -12.62 26.35
N PRO A 10 -5.48 -12.63 26.29
CA PRO A 10 -4.72 -11.40 26.61
C PRO A 10 -5.00 -10.26 25.66
N PHE A 11 -4.62 -9.05 26.07
CA PHE A 11 -4.71 -7.87 25.24
C PHE A 11 -3.37 -7.61 24.56
N VAL A 12 -3.37 -7.56 23.22
CA VAL A 12 -2.14 -7.33 22.45
C VAL A 12 -2.09 -5.91 21.88
N PHE A 13 -0.99 -5.22 22.14
CA PHE A 13 -0.88 -3.82 21.75
C PHE A 13 -0.36 -3.66 20.34
N LYS A 14 -1.09 -2.88 19.56
CA LYS A 14 -0.73 -2.65 18.17
C LYS A 14 -0.66 -1.16 17.89
N SER A 15 -0.01 -0.82 16.78
CA SER A 15 0.03 0.55 16.31
C SER A 15 -0.04 0.48 14.78
N ALA A 16 0.02 1.62 14.11
CA ALA A 16 -0.13 1.60 12.67
C ALA A 16 0.72 2.63 11.97
N TYR A 17 1.14 2.33 10.75
CA TYR A 17 1.66 3.34 9.86
C TYR A 17 0.48 3.75 9.00
N TYR A 18 0.20 5.05 8.86
CA TYR A 18 -0.93 5.41 8.01
C TYR A 18 -0.51 5.76 6.61
N LEU A 19 -0.92 4.89 5.69
CA LEU A 19 -0.59 5.00 4.29
C LEU A 19 -1.56 5.98 3.66
N SER A 20 -1.04 7.07 3.09
CA SER A 20 -1.94 8.11 2.62
C SER A 20 -2.09 8.12 1.08
N LEU A 21 -3.30 7.77 0.63
CA LEU A 21 -3.62 7.55 -0.77
C LEU A 21 -4.32 8.75 -1.44
N TYR A 22 -3.93 9.05 -2.70
CA TYR A 22 -4.60 10.04 -3.52
C TYR A 22 -5.88 9.43 -4.08
N THR A 23 -7.00 10.12 -3.89
CA THR A 23 -8.31 9.62 -4.30
C THR A 23 -8.78 10.19 -5.62
N LYS A 24 -8.01 11.10 -6.20
CA LYS A 24 -8.35 11.80 -7.48
C LYS A 24 -9.57 12.69 -7.32
N ARG A 25 -10.14 12.66 -6.12
CA ARG A 25 -11.22 13.58 -5.78
C ARG A 25 -10.76 14.92 -5.20
N ARG A 26 -11.43 16.01 -5.60
CA ARG A 26 -11.09 17.41 -5.20
C ARG A 26 -12.36 18.27 -5.19
N ALA A 27 -12.46 19.20 -4.25
CA ALA A 27 -13.61 20.13 -4.18
C ALA A 27 -13.27 21.63 -4.38
N ARG A 28 -14.01 22.30 -5.27
CA ARG A 28 -13.88 23.73 -5.48
C ARG A 28 -14.93 24.56 -4.72
N ASN A 29 -15.94 23.88 -4.17
CA ASN A 29 -17.09 24.55 -3.54
C ASN A 29 -17.90 23.60 -2.66
N LEU A 30 -18.87 24.14 -1.93
CA LEU A 30 -19.53 23.39 -0.88
C LEU A 30 -20.23 22.17 -1.41
N ARG A 31 -20.77 22.28 -2.61
CA ARG A 31 -21.57 21.20 -3.18
C ARG A 31 -20.66 20.06 -3.64
N GLN A 32 -19.54 20.41 -4.27
CA GLN A 32 -18.48 19.44 -4.59
C GLN A 32 -17.95 18.78 -3.33
N LEU A 33 -17.72 19.58 -2.28
CA LEU A 33 -17.26 19.03 -1.00
C LEU A 33 -18.27 18.01 -0.49
N ALA A 34 -19.54 18.32 -0.64
CA ALA A 34 -20.60 17.43 -0.19
C ALA A 34 -20.60 16.13 -0.96
N GLU A 35 -20.53 16.22 -2.28
CA GLU A 35 -20.43 15.05 -3.14
C GLU A 35 -19.21 14.16 -2.83
N GLY A 36 -18.10 14.79 -2.47
CA GLY A 36 -16.87 14.07 -2.19
C GLY A 36 -16.94 13.38 -0.84
N ILE A 37 -17.58 14.06 0.11
CA ILE A 37 -17.88 13.46 1.40
C ILE A 37 -18.85 12.28 1.26
N ARG A 38 -19.84 12.42 0.39
CA ARG A 38 -20.78 11.34 0.11
C ARG A 38 -20.08 10.14 -0.56
N ALA A 39 -19.19 10.43 -1.51
CA ALA A 39 -18.56 9.36 -2.27
C ALA A 39 -17.28 8.80 -1.64
N ALA A 40 -16.80 9.45 -0.58
CA ALA A 40 -15.53 9.09 0.03
C ALA A 40 -15.52 7.72 0.69
N ASP A 41 -14.41 6.99 0.60
CA ASP A 41 -14.26 5.77 1.38
C ASP A 41 -14.04 6.12 2.85
N PRO A 42 -14.29 5.16 3.76
CA PRO A 42 -14.11 5.40 5.19
C PRO A 42 -12.73 6.00 5.51
N GLY A 43 -11.69 5.56 4.81
CA GLY A 43 -10.36 6.08 5.03
C GLY A 43 -10.24 7.59 4.83
N VAL A 44 -11.11 8.13 3.99
CA VAL A 44 -11.09 9.56 3.70
C VAL A 44 -11.62 10.37 4.88
N ILE A 45 -12.77 9.94 5.40
CA ILE A 45 -13.39 10.55 6.57
C ILE A 45 -12.51 10.38 7.80
N PHE A 46 -11.92 9.20 7.94
CA PHE A 46 -11.08 8.97 9.08
C PHE A 46 -9.91 9.95 9.01
N HIS A 47 -9.31 10.07 7.84
CA HIS A 47 -8.22 11.00 7.68
C HIS A 47 -8.59 12.46 8.01
N HIS A 48 -9.63 12.99 7.36
CA HIS A 48 -9.92 14.42 7.53
C HIS A 48 -10.65 14.77 8.83
N VAL A 49 -11.11 13.76 9.55
CA VAL A 49 -11.79 14.01 10.81
C VAL A 49 -11.03 13.55 12.05
N PHE A 50 -10.80 12.25 12.15
CA PHE A 50 -10.11 11.69 13.30
C PHE A 50 -8.60 11.74 13.25
N HIS A 51 -8.01 11.71 12.07
CA HIS A 51 -6.57 11.69 12.02
C HIS A 51 -5.98 12.98 12.60
N VAL A 52 -6.80 14.03 12.76
CA VAL A 52 -6.31 15.31 13.30
C VAL A 52 -5.81 15.22 14.75
N VAL A 53 -6.16 14.13 15.43
CA VAL A 53 -5.73 13.89 16.80
C VAL A 53 -4.22 13.71 16.89
N PHE A 54 -3.59 13.44 15.75
CA PHE A 54 -2.14 13.25 15.70
C PHE A 54 -1.42 14.58 15.58
N ALA A 55 -0.25 14.68 16.20
CA ALA A 55 0.52 15.93 16.17
C ALA A 55 0.95 16.30 14.76
N LYS A 56 1.41 15.32 13.97
CA LYS A 56 1.77 15.54 12.56
C LYS A 56 0.66 16.17 11.72
N HIS A 57 -0.58 15.75 11.96
CA HIS A 57 -1.73 16.30 11.25
C HIS A 57 -1.95 17.65 11.92
N LEU A 58 -1.73 18.71 11.15
CA LEU A 58 -1.66 20.06 11.70
C LEU A 58 -3.04 20.56 12.01
N LEU A 59 -3.26 20.91 13.26
CA LEU A 59 -4.59 21.32 13.64
C LEU A 59 -4.65 22.60 14.43
N HIS A 60 -5.45 23.51 13.88
CA HIS A 60 -5.68 24.80 14.50
C HIS A 60 -6.86 24.70 15.46
N PRO A 61 -6.68 25.23 16.67
CA PRO A 61 -7.73 25.07 17.69
C PRO A 61 -8.99 25.70 17.16
N TYR A 62 -10.16 25.15 17.44
CA TYR A 62 -11.35 25.88 17.06
C TYR A 62 -11.75 25.44 15.67
N TYR A 63 -10.88 24.65 15.07
CA TYR A 63 -11.26 23.82 13.94
C TYR A 63 -11.02 22.38 14.44
N THR A 64 -12.05 21.54 14.41
CA THR A 64 -11.87 20.14 14.84
C THR A 64 -11.66 19.14 13.70
N ASN A 65 -11.78 19.62 12.47
CA ASN A 65 -11.53 18.79 11.27
C ASN A 65 -11.17 19.61 10.04
N ASP A 66 -10.56 18.93 9.07
CA ASP A 66 -10.14 19.54 7.81
C ASP A 66 -11.28 20.26 7.09
N PHE A 67 -12.46 19.64 7.08
CA PHE A 67 -13.59 20.22 6.39
C PHE A 67 -13.94 21.60 6.98
N ALA A 68 -14.10 21.65 8.31
CA ALA A 68 -14.34 22.91 8.99
C ALA A 68 -13.28 23.95 8.65
N ARG A 69 -12.00 23.58 8.80
CA ARG A 69 -10.92 24.51 8.49
C ARG A 69 -11.07 25.06 7.07
N TRP A 70 -11.35 24.17 6.11
CA TRP A 70 -11.40 24.54 4.69
C TRP A 70 -12.50 25.56 4.47
N VAL A 71 -13.69 25.21 4.96
CA VAL A 71 -14.84 26.09 4.83
C VAL A 71 -14.58 27.45 5.45
N GLY A 72 -13.84 27.47 6.55
CA GLY A 72 -13.53 28.72 7.23
C GLY A 72 -12.44 29.57 6.62
N GLU A 73 -11.30 28.97 6.32
CA GLU A 73 -10.17 29.68 5.73
C GLU A 73 -10.33 30.02 4.24
N GLU A 74 -10.72 29.02 3.45
CA GLU A 74 -10.85 29.19 2.01
C GLU A 74 -12.18 29.82 1.55
N LEU A 75 -13.30 29.36 2.09
CA LEU A 75 -14.58 29.97 1.72
C LEU A 75 -14.94 31.12 2.64
N ASN A 76 -14.12 31.33 3.66
CA ASN A 76 -14.34 32.39 4.63
C ASN A 76 -15.78 32.43 5.14
N ASP A 77 -16.36 31.24 5.35
CA ASP A 77 -17.70 31.15 5.95
C ASP A 77 -17.62 30.58 7.38
N ASP A 78 -17.78 31.46 8.36
CA ASP A 78 -17.50 31.08 9.75
C ASP A 78 -18.64 30.32 10.41
N ASP A 79 -19.87 30.72 10.15
CA ASP A 79 -20.98 30.10 10.87
C ASP A 79 -21.08 28.64 10.48
N LEU A 80 -20.91 28.41 9.19
CA LEU A 80 -20.88 27.06 8.66
C LEU A 80 -19.66 26.28 9.18
N ALA A 81 -18.50 26.92 9.17
CA ALA A 81 -17.29 26.30 9.71
C ALA A 81 -17.50 25.85 11.16
N ILE A 82 -18.14 26.70 11.97
CA ILE A 82 -18.41 26.38 13.38
C ILE A 82 -19.35 25.20 13.48
N GLU A 83 -20.43 25.25 12.69
CA GLU A 83 -21.36 24.13 12.63
C GLU A 83 -20.61 22.82 12.41
N LEU A 84 -19.73 22.83 11.40
CA LEU A 84 -18.94 21.68 10.99
C LEU A 84 -17.93 21.22 12.03
N SER A 85 -17.41 22.16 12.80
CA SER A 85 -16.47 21.81 13.86
C SER A 85 -17.22 21.19 15.05
N SER A 86 -18.54 21.37 15.09
CA SER A 86 -19.36 21.02 16.27
C SER A 86 -19.86 19.57 16.30
N ILE A 87 -19.57 18.84 15.24
CA ILE A 87 -19.78 17.41 15.17
C ILE A 87 -19.04 16.65 16.30
N SER A 88 -19.75 15.71 16.94
CA SER A 88 -19.11 14.92 18.02
C SER A 88 -18.39 13.66 17.52
N GLY A 89 -17.17 13.47 18.02
CA GLY A 89 -16.40 12.27 17.75
C GLY A 89 -16.29 11.32 18.93
N ALA A 90 -17.13 11.51 19.95
CA ALA A 90 -17.18 10.58 21.08
C ALA A 90 -17.94 9.31 20.71
N GLU A 91 -17.69 8.25 21.46
CA GLU A 91 -18.36 7.00 21.20
C GLU A 91 -19.86 7.19 21.36
N PRO A 92 -20.66 6.35 20.68
CA PRO A 92 -20.20 5.30 19.77
C PRO A 92 -20.19 5.79 18.34
N ALA A 93 -19.56 6.93 18.06
CA ALA A 93 -19.56 7.47 16.71
C ALA A 93 -18.56 6.72 15.84
N THR A 94 -18.98 6.33 14.63
CA THR A 94 -18.07 5.75 13.67
C THR A 94 -17.93 6.68 12.46
N VAL A 95 -17.11 6.30 11.50
CA VAL A 95 -16.94 7.13 10.31
C VAL A 95 -18.23 7.30 9.50
N GLU A 96 -19.09 6.30 9.50
CA GLU A 96 -20.39 6.48 8.86
C GLU A 96 -21.28 7.54 9.58
N ASP A 97 -21.39 7.45 10.91
CA ASP A 97 -22.04 8.48 11.70
C ASP A 97 -21.52 9.91 11.39
N VAL A 98 -20.20 10.05 11.33
CA VAL A 98 -19.59 11.32 11.00
C VAL A 98 -19.93 11.78 9.58
N ARG A 99 -19.86 10.88 8.62
CA ARG A 99 -20.08 11.24 7.23
C ARG A 99 -21.43 11.88 7.18
N ARG A 100 -22.32 11.21 7.87
CA ARG A 100 -23.72 11.54 7.86
C ARG A 100 -24.06 12.85 8.60
N GLU A 101 -23.40 13.10 9.72
CA GLU A 101 -23.58 14.37 10.40
C GLU A 101 -23.04 15.51 9.52
N LEU A 102 -21.88 15.29 8.91
CA LEU A 102 -21.30 16.23 7.96
C LEU A 102 -22.28 16.58 6.84
N LEU A 103 -22.77 15.55 6.16
CA LEU A 103 -23.73 15.74 5.08
C LEU A 103 -24.97 16.50 5.58
N ALA A 104 -25.43 16.17 6.78
CA ALA A 104 -26.57 16.89 7.37
C ALA A 104 -26.31 18.40 7.48
N VAL A 105 -25.18 18.80 8.06
CA VAL A 105 -24.80 20.20 8.10
C VAL A 105 -24.63 20.84 6.70
N LEU A 106 -24.08 20.09 5.74
CA LEU A 106 -23.77 20.64 4.40
C LEU A 106 -24.93 20.77 3.40
N GLU A 107 -25.83 19.80 3.39
CA GLU A 107 -26.93 19.71 2.42
C GLU A 107 -27.71 21.00 2.23
N PRO A 108 -28.28 21.53 3.32
CA PRO A 108 -29.04 22.78 3.23
C PRO A 108 -28.18 23.92 2.71
N ARG A 109 -26.93 23.93 3.15
CA ARG A 109 -26.03 25.07 2.90
C ARG A 109 -25.28 25.07 1.55
N ALA A 110 -25.48 24.01 0.78
CA ALA A 110 -24.71 23.77 -0.42
C ALA A 110 -24.85 24.88 -1.45
N ASP A 111 -23.72 25.26 -2.07
CA ASP A 111 -23.76 26.20 -3.19
C ASP A 111 -22.56 26.08 -4.09
N GLU A 112 -22.49 26.95 -5.09
CA GLU A 112 -21.42 26.96 -6.08
C GLU A 112 -20.28 27.97 -5.88
N ARG A 113 -20.34 28.72 -4.78
CA ARG A 113 -19.25 29.66 -4.47
C ARG A 113 -17.91 28.97 -4.51
N ALA A 114 -16.97 29.56 -5.26
CA ALA A 114 -15.69 28.90 -5.43
C ALA A 114 -14.67 29.36 -4.40
N ALA A 115 -13.95 28.38 -3.91
CA ALA A 115 -12.87 28.64 -3.01
C ALA A 115 -11.58 28.80 -3.77
N ARG A 116 -10.79 29.63 -3.14
CA ARG A 116 -9.43 29.95 -3.39
C ARG A 116 -8.54 28.76 -3.73
N ARG A 117 -8.36 27.88 -2.74
CA ARG A 117 -7.48 26.74 -2.81
C ARG A 117 -8.46 25.58 -2.72
N GLU A 118 -8.47 24.67 -3.69
CA GLU A 118 -9.51 23.64 -3.59
C GLU A 118 -9.21 22.50 -2.62
N PHE A 119 -10.25 21.83 -2.14
CA PHE A 119 -10.07 20.81 -1.15
C PHE A 119 -9.63 19.48 -1.75
N VAL A 120 -8.51 18.94 -1.28
CA VAL A 120 -8.02 17.67 -1.77
C VAL A 120 -8.34 16.52 -0.82
N PHE A 121 -9.13 15.56 -1.33
CA PHE A 121 -9.54 14.40 -0.54
C PHE A 121 -8.42 13.40 -0.54
N VAL A 122 -7.98 13.05 0.66
CA VAL A 122 -6.91 12.10 0.83
C VAL A 122 -7.43 10.99 1.75
N SER A 123 -7.00 9.76 1.51
CA SER A 123 -7.46 8.64 2.33
C SER A 123 -6.33 8.01 3.18
N MET A 124 -6.63 7.56 4.39
CA MET A 124 -5.67 6.83 5.19
C MET A 124 -6.03 5.35 5.21
N VAL A 125 -5.09 4.48 4.88
CA VAL A 125 -5.22 3.08 5.28
C VAL A 125 -4.13 2.71 6.29
N PRO A 126 -4.56 2.29 7.49
CA PRO A 126 -3.59 1.88 8.52
C PRO A 126 -2.96 0.53 8.18
N ILE A 127 -1.64 0.45 8.30
CA ILE A 127 -0.93 -0.82 8.25
C ILE A 127 -0.51 -1.11 9.67
N VAL A 128 -1.19 -2.09 10.23
CA VAL A 128 -1.13 -2.38 11.64
C VAL A 128 0.06 -3.31 11.92
N TYR A 129 0.76 -3.06 13.02
CA TYR A 129 1.83 -3.92 13.50
C TYR A 129 1.77 -4.07 15.02
N GLU A 130 2.31 -5.18 15.52
CA GLU A 130 2.44 -5.33 16.96
C GLU A 130 3.51 -4.43 17.56
N VAL A 131 3.17 -3.86 18.71
CA VAL A 131 4.07 -2.93 19.39
C VAL A 131 5.12 -3.66 20.24
N GLY A 132 4.79 -4.85 20.71
CA GLY A 132 5.60 -5.48 21.75
C GLY A 132 5.08 -5.39 23.18
N LEU A 133 3.77 -5.27 23.37
CA LEU A 133 3.17 -5.38 24.72
C LEU A 133 1.95 -6.30 24.78
N LYS A 134 1.98 -7.31 25.65
CA LYS A 134 0.78 -8.11 25.96
C LYS A 134 0.40 -7.97 27.41
N ALA A 135 -0.89 -8.09 27.69
CA ALA A 135 -1.37 -8.02 29.06
C ALA A 135 -2.39 -9.11 29.32
N GLU A 136 -2.06 -9.99 30.27
CA GLU A 136 -2.92 -11.07 30.72
C GLU A 136 -3.92 -10.66 31.78
N THR A 137 -3.46 -9.79 32.68
CA THR A 137 -4.25 -9.35 33.83
C THR A 137 -4.48 -7.84 33.84
N LEU A 138 -5.47 -7.41 34.62
CA LEU A 138 -5.78 -6.00 34.82
C LEU A 138 -4.55 -5.17 35.22
N ALA A 139 -3.76 -5.67 36.18
CA ALA A 139 -2.58 -4.94 36.60
C ALA A 139 -1.61 -4.82 35.44
N GLU A 140 -1.31 -5.96 34.81
CA GLU A 140 -0.49 -5.99 33.59
C GLU A 140 -1.04 -4.95 32.60
N PHE A 141 -2.36 -4.96 32.39
CA PHE A 141 -2.97 -4.02 31.45
C PHE A 141 -2.66 -2.57 31.79
N LEU A 142 -2.79 -2.21 33.06
CA LEU A 142 -2.55 -0.82 33.47
C LEU A 142 -1.12 -0.43 33.19
N ASP A 143 -0.21 -1.30 33.61
CA ASP A 143 1.20 -1.03 33.35
C ASP A 143 1.46 -0.89 31.84
N ALA A 144 0.84 -1.76 31.06
CA ALA A 144 1.05 -1.79 29.62
C ALA A 144 0.55 -0.49 28.97
N VAL A 145 -0.70 -0.14 29.23
CA VAL A 145 -1.29 1.01 28.58
C VAL A 145 -0.53 2.26 28.98
N ALA A 146 0.03 2.27 30.19
CA ALA A 146 0.86 3.42 30.56
C ALA A 146 2.24 3.36 29.92
N ALA A 147 2.71 2.16 29.58
CA ALA A 147 3.99 2.02 28.89
C ALA A 147 3.92 2.13 27.36
N ALA A 148 2.70 1.99 26.81
CA ALA A 148 2.54 1.95 25.36
C ALA A 148 2.87 3.29 24.69
N PRO A 149 3.37 3.24 23.45
CA PRO A 149 3.49 4.50 22.70
C PRO A 149 2.13 5.16 22.53
N PRO A 150 2.11 6.51 22.54
CA PRO A 150 0.92 7.33 22.32
C PRO A 150 0.16 6.92 21.08
N GLU A 151 0.89 6.56 20.02
CA GLU A 151 0.25 6.17 18.75
C GLU A 151 -0.45 4.83 18.86
N SER A 152 0.07 3.92 19.69
CA SER A 152 -0.63 2.68 19.97
C SER A 152 -1.96 2.95 20.67
N VAL A 153 -1.90 3.76 21.73
CA VAL A 153 -3.12 4.17 22.45
C VAL A 153 -4.12 4.91 21.52
N ALA A 154 -3.60 5.71 20.59
CA ALA A 154 -4.44 6.36 19.60
C ALA A 154 -5.06 5.31 18.71
N TYR A 155 -4.24 4.35 18.28
CA TYR A 155 -4.73 3.31 17.41
C TYR A 155 -5.90 2.61 18.06
N HIS A 156 -5.70 2.10 19.29
CA HIS A 156 -6.74 1.33 19.98
C HIS A 156 -7.96 2.17 20.40
N PHE A 157 -7.72 3.42 20.78
CA PHE A 157 -8.78 4.31 21.23
C PHE A 157 -9.53 5.10 20.12
N VAL A 158 -8.92 5.27 18.96
CA VAL A 158 -9.54 6.06 17.91
C VAL A 158 -9.70 5.29 16.61
N THR A 159 -8.57 4.98 16.00
CA THR A 159 -8.54 4.24 14.74
C THR A 159 -9.33 2.94 14.78
N ALA A 160 -9.06 2.09 15.76
CA ALA A 160 -9.74 0.79 15.78
C ALA A 160 -11.24 0.97 15.95
N ARG A 161 -11.61 2.01 16.68
CA ARG A 161 -12.99 2.25 17.05
C ARG A 161 -13.86 2.86 15.94
N VAL A 162 -13.37 3.95 15.33
CA VAL A 162 -14.15 4.66 14.31
C VAL A 162 -14.09 3.97 12.95
N LEU A 163 -13.01 3.24 12.69
CA LEU A 163 -12.81 2.70 11.37
C LEU A 163 -13.33 1.26 11.33
N TYR A 164 -12.74 0.41 12.14
CA TYR A 164 -13.08 -1.01 12.21
C TYR A 164 -14.26 -1.26 13.11
N GLY A 165 -14.12 -0.83 14.35
CA GLY A 165 -15.12 -1.13 15.37
C GLY A 165 -16.53 -0.59 15.17
N ASN A 166 -17.33 -0.95 16.15
CA ASN A 166 -18.74 -0.65 16.19
C ASN A 166 -18.96 0.72 16.81
N GLY A 167 -17.87 1.42 17.11
CA GLY A 167 -17.97 2.64 17.88
C GLY A 167 -17.66 2.46 19.37
N ARG A 168 -16.93 1.40 19.68
CA ARG A 168 -16.41 1.19 21.02
C ARG A 168 -14.94 0.83 20.89
N ASN A 169 -14.09 1.47 21.68
CA ASN A 169 -12.64 1.24 21.58
C ASN A 169 -12.22 -0.16 22.06
N ASP A 170 -11.02 -0.57 21.70
CA ASP A 170 -10.54 -1.92 22.05
C ASP A 170 -10.38 -2.11 23.56
N PHE A 171 -9.90 -1.08 24.24
CA PHE A 171 -9.78 -1.16 25.69
C PHE A 171 -11.14 -1.49 26.26
N SER A 172 -12.12 -0.64 26.01
CA SER A 172 -13.48 -0.82 26.51
C SER A 172 -13.96 -2.25 26.23
N ARG A 173 -13.80 -2.66 24.99
CA ARG A 173 -14.29 -3.96 24.60
C ARG A 173 -13.64 -5.09 25.41
N TRP A 174 -12.33 -5.01 25.60
CA TRP A 174 -11.56 -6.02 26.30
C TRP A 174 -11.97 -6.07 27.77
N LEU A 175 -12.09 -4.90 28.39
CA LEU A 175 -12.49 -4.81 29.79
C LEU A 175 -13.88 -5.41 30.02
N VAL A 176 -14.83 -5.02 29.19
CA VAL A 176 -16.19 -5.54 29.33
C VAL A 176 -16.32 -7.05 29.04
N GLU A 177 -15.78 -7.50 27.91
CA GLU A 177 -15.78 -8.91 27.52
C GLU A 177 -15.10 -9.83 28.53
N GLU A 178 -13.89 -9.45 28.94
CA GLU A 178 -13.09 -10.26 29.86
C GLU A 178 -13.52 -10.13 31.32
N PHE A 179 -13.46 -8.92 31.84
CA PHE A 179 -13.78 -8.66 33.24
C PHE A 179 -15.14 -8.00 33.52
N GLY A 180 -15.93 -7.75 32.48
CA GLY A 180 -17.28 -7.24 32.62
C GLY A 180 -17.38 -5.90 33.33
N LEU A 181 -16.43 -5.01 33.07
CA LEU A 181 -16.42 -3.72 33.77
C LEU A 181 -17.04 -2.69 32.84
N THR A 182 -18.30 -2.39 33.08
CA THR A 182 -19.03 -1.49 32.20
C THR A 182 -18.79 -0.01 32.50
N SER A 183 -18.61 0.28 33.78
CA SER A 183 -18.33 1.64 34.23
C SER A 183 -17.06 2.16 33.58
N ALA A 184 -16.00 1.36 33.57
CA ALA A 184 -14.76 1.79 32.93
C ALA A 184 -14.97 2.08 31.43
N ALA A 185 -15.75 1.23 30.77
CA ALA A 185 -16.08 1.47 29.37
C ALA A 185 -16.82 2.79 29.20
N ASP A 186 -17.77 3.06 30.12
CA ASP A 186 -18.53 4.31 30.14
C ASP A 186 -17.64 5.57 30.28
N ALA A 187 -16.82 5.53 31.33
CA ALA A 187 -15.86 6.56 31.65
C ALA A 187 -15.04 6.86 30.40
N LEU A 188 -14.48 5.81 29.79
CA LEU A 188 -13.78 6.00 28.52
C LEU A 188 -14.65 6.68 27.46
N SER A 189 -15.91 6.25 27.37
CA SER A 189 -16.82 6.70 26.32
C SER A 189 -17.10 8.16 26.49
N ARG A 190 -16.70 8.71 27.62
CA ARG A 190 -16.83 10.14 27.81
C ARG A 190 -15.76 11.03 27.16
N ILE A 191 -14.68 10.43 26.66
CA ILE A 191 -13.64 11.18 25.97
C ILE A 191 -13.91 11.39 24.48
N ASP A 192 -14.07 12.65 24.09
CA ASP A 192 -14.14 13.03 22.69
C ASP A 192 -12.72 13.34 22.23
N PRO A 193 -12.14 12.44 21.41
CA PRO A 193 -10.76 12.52 20.92
C PRO A 193 -10.49 13.77 20.08
N LEU A 194 -11.46 14.20 19.25
CA LEU A 194 -11.33 15.41 18.43
C LEU A 194 -10.90 16.63 19.26
N ILE A 195 -11.23 16.62 20.55
CA ILE A 195 -10.87 17.71 21.46
C ILE A 195 -9.35 17.87 21.66
N TYR A 196 -8.61 16.80 21.40
CA TYR A 196 -7.15 16.86 21.48
C TYR A 196 -6.54 17.00 20.09
N ASN A 197 -5.47 17.77 20.03
CA ASN A 197 -4.69 17.98 18.82
C ASN A 197 -3.44 17.10 18.82
N ASP A 198 -3.28 16.35 19.90
CA ASP A 198 -2.02 15.66 20.16
C ASP A 198 -2.25 14.30 20.82
N GLU A 199 -1.53 13.28 20.35
CA GLU A 199 -1.80 11.91 20.83
C GLU A 199 -1.25 11.64 22.23
N ARG A 200 -0.26 12.42 22.66
CA ARG A 200 0.22 12.32 24.04
C ARG A 200 -0.80 12.83 25.04
N GLN A 201 -1.44 13.94 24.70
CA GLN A 201 -2.56 14.44 25.47
C GLN A 201 -3.58 13.33 25.61
N LEU A 202 -3.97 12.78 24.46
CA LEU A 202 -4.99 11.75 24.39
C LEU A 202 -4.63 10.59 25.31
N LYS A 203 -3.40 10.10 25.18
CA LYS A 203 -2.94 8.96 25.98
C LYS A 203 -3.00 9.25 27.48
N SER A 204 -2.66 10.49 27.82
CA SER A 204 -2.75 10.95 29.18
C SER A 204 -4.18 10.85 29.70
N GLU A 205 -5.12 11.37 28.93
CA GLU A 205 -6.52 11.30 29.34
C GLU A 205 -6.96 9.88 29.56
N VAL A 206 -6.60 9.04 28.61
CA VAL A 206 -7.03 7.64 28.64
C VAL A 206 -6.47 6.91 29.87
N VAL A 207 -5.17 7.05 30.08
CA VAL A 207 -4.52 6.37 31.20
C VAL A 207 -5.12 6.85 32.52
N ARG A 208 -5.25 8.17 32.67
CA ARG A 208 -5.90 8.76 33.84
C ARG A 208 -7.26 8.11 34.11
N THR A 209 -8.11 8.12 33.10
CA THR A 209 -9.42 7.51 33.21
C THR A 209 -9.35 6.05 33.69
N LEU A 210 -8.44 5.29 33.12
CA LEU A 210 -8.33 3.87 33.48
C LEU A 210 -7.85 3.67 34.92
N GLU A 211 -6.95 4.55 35.35
CA GLU A 211 -6.33 4.41 36.67
C GLU A 211 -7.38 4.73 37.71
N ARG A 212 -8.13 5.78 37.40
CA ARG A 212 -9.27 6.24 38.15
C ARG A 212 -10.33 5.15 38.30
N ALA A 213 -10.64 4.49 37.19
CA ALA A 213 -11.69 3.47 37.16
C ALA A 213 -11.27 2.13 37.82
N ASP A 214 -10.01 1.72 37.65
CA ASP A 214 -9.52 0.43 38.10
C ASP A 214 -8.87 0.50 39.47
N SER A 215 -7.78 1.27 39.57
CA SER A 215 -7.13 1.45 40.84
C SER A 215 -8.22 1.88 41.82
N ALA A 216 -9.33 2.38 41.27
CA ALA A 216 -10.53 2.65 42.06
C ALA A 216 -11.76 1.98 41.44
N ALA B 1 36.44 27.80 -0.63
CA ALA B 1 37.45 26.76 -0.42
C ALA B 1 37.11 25.48 -1.17
N ASP B 2 37.48 24.37 -0.55
CA ASP B 2 37.12 23.03 -1.00
C ASP B 2 35.65 22.74 -0.71
N LEU B 3 35.25 22.88 0.55
CA LEU B 3 33.92 22.48 0.99
C LEU B 3 32.86 23.52 0.71
N ASP B 4 33.31 24.72 0.37
CA ASP B 4 32.42 25.84 0.15
C ASP B 4 31.81 25.80 -1.25
N SER B 5 32.33 24.93 -2.11
CA SER B 5 31.82 24.89 -3.49
C SER B 5 30.34 24.53 -3.51
N LYS B 6 29.63 25.12 -4.45
CA LYS B 6 28.19 24.93 -4.57
C LYS B 6 27.84 24.00 -5.70
N ALA B 7 26.80 23.20 -5.46
CA ALA B 7 26.17 22.42 -6.49
C ALA B 7 24.98 23.23 -7.04
N LYS B 8 24.69 23.08 -8.32
CA LYS B 8 23.57 23.81 -8.90
C LYS B 8 22.22 23.19 -8.55
N SER B 9 22.21 21.88 -8.36
CA SER B 9 21.05 21.19 -7.80
C SER B 9 21.41 20.65 -6.42
N PRO B 10 20.70 21.11 -5.39
CA PRO B 10 20.89 20.59 -4.03
C PRO B 10 20.56 19.10 -3.91
N PHE B 11 21.15 18.42 -2.91
CA PHE B 11 20.82 17.03 -2.60
C PHE B 11 19.66 16.99 -1.61
N VAL B 12 18.58 16.33 -1.99
CA VAL B 12 17.44 16.21 -1.08
C VAL B 12 17.45 14.88 -0.34
N PHE B 13 17.35 14.95 0.98
CA PHE B 13 17.39 13.72 1.76
C PHE B 13 16.02 13.08 1.89
N LYS B 14 15.98 11.78 1.66
CA LYS B 14 14.75 11.01 1.69
C LYS B 14 14.95 9.78 2.52
N SER B 15 13.84 9.15 2.85
CA SER B 15 13.84 7.88 3.54
C SER B 15 12.60 7.13 3.10
N ALA B 16 12.41 5.90 3.60
CA ALA B 16 11.16 5.22 3.27
C ALA B 16 10.55 4.38 4.37
N TYR B 17 9.25 4.24 4.31
CA TYR B 17 8.59 3.18 5.02
C TYR B 17 8.60 1.99 4.05
N TYR B 18 8.80 0.78 4.52
CA TYR B 18 8.72 -0.34 3.55
C TYR B 18 7.49 -1.20 3.67
N LEU B 19 6.66 -1.12 2.65
CA LEU B 19 5.43 -1.87 2.61
C LEU B 19 5.77 -3.30 2.19
N SER B 20 5.48 -4.28 3.04
CA SER B 20 5.78 -5.67 2.67
C SER B 20 4.57 -6.49 2.25
N LEU B 21 4.51 -6.80 0.96
CA LEU B 21 3.38 -7.47 0.34
C LEU B 21 3.55 -8.98 0.21
N TYR B 22 2.47 -9.70 0.49
CA TYR B 22 2.38 -11.12 0.22
C TYR B 22 2.18 -11.36 -1.27
N THR B 23 3.10 -12.10 -1.88
CA THR B 23 3.10 -12.32 -3.32
C THR B 23 2.41 -13.61 -3.78
N LYS B 24 1.89 -14.40 -2.85
CA LYS B 24 1.25 -15.71 -3.11
C LYS B 24 2.20 -16.81 -3.50
N ARG B 25 3.48 -16.52 -3.67
CA ARG B 25 4.41 -17.59 -3.99
C ARG B 25 5.04 -18.21 -2.75
N ARG B 26 5.13 -19.53 -2.76
CA ARG B 26 5.81 -20.28 -1.71
C ARG B 26 6.61 -21.42 -2.32
N ALA B 27 7.85 -21.61 -1.87
CA ALA B 27 8.69 -22.70 -2.37
C ALA B 27 8.88 -23.83 -1.34
N ARG B 28 8.61 -25.06 -1.79
CA ARG B 28 8.80 -26.23 -0.96
C ARG B 28 10.19 -26.85 -1.11
N ASN B 29 10.89 -26.49 -2.18
CA ASN B 29 12.21 -27.05 -2.50
C ASN B 29 13.00 -26.12 -3.40
N LEU B 30 14.25 -26.48 -3.68
CA LEU B 30 15.13 -25.63 -4.48
C LEU B 30 14.54 -25.29 -5.83
N ARG B 31 13.85 -26.24 -6.43
CA ARG B 31 13.30 -25.98 -7.76
C ARG B 31 12.24 -24.88 -7.74
N GLN B 32 11.37 -24.91 -6.73
CA GLN B 32 10.37 -23.86 -6.55
C GLN B 32 11.00 -22.54 -6.11
N LEU B 33 12.09 -22.63 -5.34
CA LEU B 33 12.76 -21.43 -4.90
C LEU B 33 13.29 -20.72 -6.15
N ALA B 34 13.87 -21.51 -7.05
CA ALA B 34 14.52 -21.01 -8.26
C ALA B 34 13.50 -20.41 -9.21
N GLU B 35 12.41 -21.14 -9.40
CA GLU B 35 11.32 -20.66 -10.24
C GLU B 35 10.83 -19.31 -9.75
N GLY B 36 10.63 -19.23 -8.44
CA GLY B 36 10.12 -18.01 -7.83
C GLY B 36 11.09 -16.85 -7.92
N ILE B 37 12.36 -17.15 -7.67
CA ILE B 37 13.39 -16.13 -7.79
C ILE B 37 13.39 -15.59 -9.21
N ARG B 38 13.22 -16.49 -10.18
CA ARG B 38 13.20 -16.14 -11.61
C ARG B 38 12.00 -15.28 -11.97
N ALA B 39 10.88 -15.55 -11.31
CA ALA B 39 9.63 -14.85 -11.58
C ALA B 39 9.40 -13.63 -10.68
N ALA B 40 10.23 -13.43 -9.67
CA ALA B 40 9.94 -12.43 -8.64
C ALA B 40 10.06 -11.00 -9.15
N ASP B 41 9.21 -10.11 -8.67
CA ASP B 41 9.40 -8.70 -8.99
C ASP B 41 10.58 -8.16 -8.18
N PRO B 42 11.17 -7.05 -8.64
CA PRO B 42 12.36 -6.46 -8.01
C PRO B 42 12.22 -6.32 -6.50
N GLY B 43 11.02 -6.04 -6.03
CA GLY B 43 10.82 -5.85 -4.60
C GLY B 43 11.12 -7.10 -3.80
N VAL B 44 10.98 -8.25 -4.45
CA VAL B 44 11.20 -9.51 -3.77
C VAL B 44 12.67 -9.68 -3.52
N ILE B 45 13.47 -9.58 -4.58
CA ILE B 45 14.93 -9.67 -4.51
C ILE B 45 15.48 -8.62 -3.56
N PHE B 46 14.99 -7.41 -3.68
CA PHE B 46 15.37 -6.36 -2.74
C PHE B 46 15.06 -6.77 -1.32
N HIS B 47 13.82 -7.16 -1.06
CA HIS B 47 13.42 -7.56 0.29
C HIS B 47 14.28 -8.67 0.91
N HIS B 48 14.42 -9.79 0.19
CA HIS B 48 15.08 -10.97 0.75
C HIS B 48 16.60 -10.89 0.67
N VAL B 49 17.11 -9.93 -0.07
CA VAL B 49 18.56 -9.81 -0.16
C VAL B 49 19.08 -8.57 0.53
N PHE B 50 18.67 -7.41 0.05
CA PHE B 50 19.21 -6.15 0.56
C PHE B 50 18.58 -5.63 1.82
N HIS B 51 17.30 -5.88 1.99
CA HIS B 51 16.59 -5.29 3.11
C HIS B 51 17.14 -5.85 4.43
N VAL B 52 17.89 -6.95 4.33
CA VAL B 52 18.48 -7.58 5.51
C VAL B 52 19.42 -6.64 6.23
N VAL B 53 19.84 -5.57 5.56
CA VAL B 53 20.74 -4.59 6.17
C VAL B 53 20.09 -3.82 7.30
N PHE B 54 18.77 -3.82 7.36
CA PHE B 54 18.07 -3.18 8.47
C PHE B 54 18.03 -4.13 9.65
N ALA B 55 18.16 -3.56 10.86
CA ALA B 55 18.16 -4.36 12.08
C ALA B 55 16.91 -5.20 12.23
N LYS B 56 15.74 -4.62 11.95
CA LYS B 56 14.45 -5.32 12.10
C LYS B 56 14.44 -6.61 11.28
N HIS B 57 15.01 -6.57 10.09
CA HIS B 57 14.98 -7.72 9.21
C HIS B 57 16.01 -8.62 9.85
N LEU B 58 15.52 -9.72 10.39
CA LEU B 58 16.23 -10.49 11.39
C LEU B 58 17.37 -11.19 10.71
N LEU B 59 18.56 -11.14 11.32
CA LEU B 59 19.64 -12.01 10.84
C LEU B 59 20.95 -12.17 11.62
N HIS B 60 21.85 -12.89 10.96
CA HIS B 60 22.62 -13.92 11.58
C HIS B 60 24.00 -13.74 11.03
N PRO B 61 25.00 -14.16 11.77
CA PRO B 61 26.35 -14.24 11.24
C PRO B 61 26.44 -15.32 10.17
N TYR B 62 27.11 -15.06 9.07
CA TYR B 62 27.24 -16.07 8.03
C TYR B 62 26.05 -16.46 7.14
N TYR B 63 24.83 -15.99 7.44
CA TYR B 63 23.74 -15.94 6.45
C TYR B 63 23.60 -14.51 5.96
N THR B 64 23.90 -14.26 4.69
CA THR B 64 23.87 -12.88 4.20
C THR B 64 22.54 -12.46 3.59
N ASN B 65 21.65 -13.44 3.41
CA ASN B 65 20.30 -13.17 2.87
C ASN B 65 19.34 -14.30 3.22
N ASP B 66 18.04 -14.05 3.05
CA ASP B 66 17.02 -15.04 3.40
C ASP B 66 17.10 -16.34 2.61
N PHE B 67 17.54 -16.28 1.35
CA PHE B 67 17.58 -17.51 0.57
C PHE B 67 18.59 -18.46 1.17
N ALA B 68 19.80 -17.95 1.40
CA ALA B 68 20.83 -18.73 2.06
C ALA B 68 20.32 -19.26 3.40
N ARG B 69 19.70 -18.41 4.19
CA ARG B 69 19.22 -18.85 5.49
C ARG B 69 18.21 -19.99 5.37
N TRP B 70 17.29 -19.87 4.42
CA TRP B 70 16.27 -20.89 4.22
C TRP B 70 16.92 -22.19 3.80
N VAL B 71 17.80 -22.11 2.81
CA VAL B 71 18.49 -23.29 2.36
C VAL B 71 19.29 -23.96 3.50
N GLY B 72 19.96 -23.16 4.31
CA GLY B 72 20.75 -23.69 5.40
C GLY B 72 19.89 -24.33 6.49
N GLU B 73 18.93 -23.59 7.00
CA GLU B 73 18.15 -24.04 8.15
C GLU B 73 17.07 -25.06 7.80
N GLU B 74 16.34 -24.76 6.75
CA GLU B 74 15.19 -25.56 6.34
C GLU B 74 15.53 -26.78 5.46
N LEU B 75 16.56 -26.67 4.63
CA LEU B 75 17.04 -27.83 3.87
C LEU B 75 18.29 -28.48 4.48
N ASN B 76 18.82 -27.87 5.54
CA ASN B 76 20.11 -28.29 6.08
C ASN B 76 21.15 -28.55 5.01
N ASP B 77 21.27 -27.66 4.03
CA ASP B 77 22.35 -27.81 3.05
C ASP B 77 23.31 -26.62 3.19
N ASP B 78 24.44 -26.85 3.85
CA ASP B 78 25.34 -25.80 4.26
C ASP B 78 26.21 -25.34 3.13
N ASP B 79 26.63 -26.27 2.28
CA ASP B 79 27.48 -25.89 1.16
C ASP B 79 26.71 -24.93 0.25
N LEU B 80 25.54 -25.39 -0.20
CA LEU B 80 24.65 -24.55 -1.00
C LEU B 80 24.43 -23.20 -0.33
N ALA B 81 24.16 -23.24 0.97
CA ALA B 81 23.91 -22.02 1.75
C ALA B 81 25.06 -21.01 1.82
N ILE B 82 26.30 -21.48 2.03
CA ILE B 82 27.42 -20.53 2.07
C ILE B 82 27.70 -20.02 0.64
N GLU B 83 27.54 -20.86 -0.38
CA GLU B 83 27.54 -20.33 -1.75
C GLU B 83 26.57 -19.15 -1.89
N LEU B 84 25.31 -19.38 -1.53
CA LEU B 84 24.27 -18.36 -1.59
C LEU B 84 24.59 -17.15 -0.72
N SER B 85 25.45 -17.33 0.28
CA SER B 85 25.79 -16.18 1.11
C SER B 85 26.92 -15.35 0.50
N SER B 86 27.64 -15.98 -0.43
CA SER B 86 28.86 -15.39 -0.98
C SER B 86 28.59 -14.40 -2.09
N ILE B 87 27.33 -14.29 -2.50
CA ILE B 87 26.91 -13.33 -3.49
C ILE B 87 27.26 -11.92 -3.05
N SER B 88 27.84 -11.14 -3.95
CA SER B 88 28.25 -9.78 -3.59
C SER B 88 27.09 -8.80 -3.73
N GLY B 89 26.98 -7.91 -2.75
CA GLY B 89 26.00 -6.84 -2.82
C GLY B 89 26.66 -5.49 -3.08
N ALA B 90 27.97 -5.50 -3.34
CA ALA B 90 28.70 -4.25 -3.57
C ALA B 90 28.40 -3.68 -4.96
N GLU B 91 28.53 -2.36 -5.10
CA GLU B 91 28.27 -1.71 -6.39
C GLU B 91 29.16 -2.32 -7.48
N PRO B 92 28.76 -2.20 -8.75
CA PRO B 92 27.48 -1.63 -9.17
C PRO B 92 26.42 -2.71 -9.29
N ALA B 93 26.34 -3.57 -8.29
CA ALA B 93 25.39 -4.66 -8.28
C ALA B 93 23.98 -4.10 -8.13
N THR B 94 23.04 -4.57 -8.95
CA THR B 94 21.63 -4.27 -8.74
C THR B 94 20.84 -5.51 -8.42
N VAL B 95 19.56 -5.31 -8.17
CA VAL B 95 18.58 -6.36 -7.95
C VAL B 95 18.60 -7.44 -9.05
N GLU B 96 18.71 -7.04 -10.32
CA GLU B 96 18.84 -8.00 -11.43
C GLU B 96 20.18 -8.75 -11.45
N ASP B 97 21.27 -8.04 -11.20
CA ASP B 97 22.55 -8.72 -11.12
C ASP B 97 22.47 -9.84 -10.06
N VAL B 98 21.96 -9.50 -8.88
CA VAL B 98 21.76 -10.46 -7.79
C VAL B 98 20.82 -11.62 -8.12
N ARG B 99 19.69 -11.29 -8.74
CA ARG B 99 18.77 -12.31 -9.24
C ARG B 99 19.53 -13.32 -10.08
N ARG B 100 20.31 -12.82 -11.04
CA ARG B 100 21.05 -13.76 -11.89
C ARG B 100 22.15 -14.57 -11.17
N GLU B 101 22.85 -13.96 -10.21
CA GLU B 101 23.88 -14.69 -9.48
C GLU B 101 23.25 -15.83 -8.64
N LEU B 102 22.14 -15.50 -7.99
CA LEU B 102 21.33 -16.48 -7.28
C LEU B 102 20.93 -17.64 -8.15
N LEU B 103 20.28 -17.34 -9.27
CA LEU B 103 19.91 -18.42 -10.19
C LEU B 103 21.14 -19.22 -10.64
N ALA B 104 22.26 -18.54 -10.87
CA ALA B 104 23.46 -19.24 -11.29
C ALA B 104 23.84 -20.30 -10.25
N VAL B 105 23.91 -19.89 -8.98
CA VAL B 105 24.22 -20.82 -7.91
C VAL B 105 23.18 -21.95 -7.80
N LEU B 106 21.91 -21.62 -7.99
CA LEU B 106 20.84 -22.57 -7.75
C LEU B 106 20.65 -23.63 -8.84
N GLU B 107 20.72 -23.25 -10.10
CA GLU B 107 20.28 -24.11 -11.19
C GLU B 107 20.96 -25.45 -11.28
N PRO B 108 22.30 -25.42 -11.28
CA PRO B 108 22.95 -26.73 -11.23
C PRO B 108 22.39 -27.56 -10.06
N ARG B 109 22.08 -26.89 -8.94
CA ARG B 109 21.72 -27.61 -7.69
C ARG B 109 20.25 -27.96 -7.47
N ALA B 110 19.35 -27.57 -8.37
CA ALA B 110 17.93 -27.70 -8.08
C ALA B 110 17.48 -29.16 -8.00
N ASP B 111 16.72 -29.48 -6.94
CA ASP B 111 16.14 -30.80 -6.78
C ASP B 111 14.78 -30.68 -6.12
N GLU B 112 14.16 -31.82 -5.83
CA GLU B 112 12.81 -31.85 -5.32
C GLU B 112 12.67 -32.03 -3.81
N ARG B 113 13.81 -32.11 -3.11
CA ARG B 113 13.82 -32.30 -1.65
C ARG B 113 12.99 -31.26 -0.91
N ALA B 114 12.05 -31.73 -0.09
CA ALA B 114 11.13 -30.83 0.61
C ALA B 114 11.73 -30.25 1.89
N ALA B 115 11.56 -28.96 2.08
CA ALA B 115 11.98 -28.26 3.29
C ALA B 115 10.86 -28.35 4.30
N ARG B 116 11.17 -28.47 5.57
CA ARG B 116 10.09 -28.64 6.53
C ARG B 116 9.30 -27.35 6.72
N ARG B 117 9.95 -26.20 6.51
CA ARG B 117 9.23 -24.92 6.42
C ARG B 117 9.30 -24.42 4.98
N GLU B 118 8.17 -24.00 4.41
CA GLU B 118 8.20 -23.45 3.06
C GLU B 118 8.81 -22.07 3.07
N PHE B 119 9.42 -21.70 1.94
CA PHE B 119 9.87 -20.32 1.77
C PHE B 119 8.72 -19.47 1.24
N VAL B 120 8.45 -18.35 1.91
CA VAL B 120 7.37 -17.44 1.53
C VAL B 120 7.92 -16.19 0.86
N PHE B 121 7.61 -16.01 -0.42
CA PHE B 121 8.08 -14.80 -1.12
C PHE B 121 7.30 -13.53 -0.74
N VAL B 122 8.02 -12.57 -0.21
CA VAL B 122 7.47 -11.29 0.25
C VAL B 122 8.12 -10.17 -0.58
N SER B 123 7.38 -9.11 -0.86
CA SER B 123 7.95 -8.01 -1.65
C SER B 123 7.98 -6.68 -0.87
N MET B 124 8.98 -5.85 -1.13
CA MET B 124 8.99 -4.50 -0.53
C MET B 124 8.63 -3.45 -1.60
N VAL B 125 7.70 -2.57 -1.28
CA VAL B 125 7.56 -1.32 -2.02
C VAL B 125 7.85 -0.18 -1.09
N PRO B 126 8.89 0.59 -1.42
CA PRO B 126 9.20 1.76 -0.59
C PRO B 126 8.18 2.86 -0.77
N ILE B 127 7.73 3.39 0.36
CA ILE B 127 6.95 4.60 0.37
C ILE B 127 7.94 5.66 0.81
N VAL B 128 8.36 6.47 -0.16
CA VAL B 128 9.44 7.42 0.06
C VAL B 128 8.87 8.73 0.60
N TYR B 129 9.59 9.36 1.51
CA TYR B 129 9.18 10.66 2.03
C TYR B 129 10.42 11.48 2.35
N GLU B 130 10.27 12.81 2.35
CA GLU B 130 11.39 13.70 2.61
C GLU B 130 11.69 13.77 4.09
N VAL B 131 12.99 13.75 4.36
CA VAL B 131 13.55 13.73 5.70
C VAL B 131 13.68 15.13 6.31
N GLY B 132 13.65 16.16 5.46
CA GLY B 132 13.88 17.53 5.92
C GLY B 132 15.33 18.00 5.92
N LEU B 133 16.13 17.49 4.98
CA LEU B 133 17.52 17.93 4.83
C LEU B 133 17.86 18.20 3.38
N LYS B 134 18.35 19.40 3.10
CA LYS B 134 18.88 19.75 1.80
C LYS B 134 20.30 20.27 1.97
N ALA B 135 21.12 20.04 0.94
CA ALA B 135 22.52 20.47 0.94
C ALA B 135 22.88 21.12 -0.42
N GLU B 136 23.21 22.41 -0.38
CA GLU B 136 23.68 23.12 -1.55
C GLU B 136 25.19 22.97 -1.80
N THR B 137 25.96 22.88 -0.74
CA THR B 137 27.41 22.88 -0.85
C THR B 137 27.98 21.60 -0.25
N LEU B 138 29.27 21.35 -0.53
CA LEU B 138 29.94 20.18 -0.01
C LEU B 138 29.81 20.08 1.51
N ALA B 139 30.12 21.18 2.18
CA ALA B 139 30.12 21.24 3.62
C ALA B 139 28.73 20.91 4.16
N GLU B 140 27.72 21.53 3.55
CA GLU B 140 26.33 21.27 3.88
C GLU B 140 25.99 19.82 3.66
N PHE B 141 26.56 19.24 2.63
CA PHE B 141 26.34 17.83 2.38
C PHE B 141 26.97 16.94 3.46
N LEU B 142 28.15 17.31 3.95
CA LEU B 142 28.80 16.51 4.99
C LEU B 142 27.99 16.60 6.27
N ASP B 143 27.48 17.79 6.55
CA ASP B 143 26.68 18.00 7.76
C ASP B 143 25.34 17.25 7.67
N ALA B 144 24.74 17.27 6.49
CA ALA B 144 23.43 16.64 6.28
C ALA B 144 23.51 15.12 6.24
N VAL B 145 24.55 14.59 5.62
CA VAL B 145 24.67 13.13 5.64
C VAL B 145 24.97 12.67 7.07
N ALA B 146 25.73 13.45 7.84
CA ALA B 146 25.97 13.07 9.24
C ALA B 146 24.69 13.15 10.12
N ALA B 147 23.86 14.15 9.84
CA ALA B 147 22.62 14.37 10.58
C ALA B 147 21.46 13.47 10.13
N ALA B 148 21.61 12.91 8.93
CA ALA B 148 20.57 12.08 8.35
C ALA B 148 20.33 10.77 9.13
N PRO B 149 19.06 10.42 9.36
CA PRO B 149 18.72 9.16 10.04
C PRO B 149 19.32 7.97 9.33
N PRO B 150 19.77 6.95 10.08
CA PRO B 150 20.35 5.73 9.48
C PRO B 150 19.49 5.14 8.37
N GLU B 151 18.17 5.19 8.51
CA GLU B 151 17.29 4.74 7.44
C GLU B 151 17.37 5.60 6.17
N SER B 152 17.61 6.90 6.31
CA SER B 152 17.74 7.74 5.13
C SER B 152 19.02 7.39 4.38
N VAL B 153 20.10 7.22 5.15
CA VAL B 153 21.38 6.85 4.56
C VAL B 153 21.28 5.47 3.92
N ALA B 154 20.53 4.57 4.54
CA ALA B 154 20.36 3.25 3.94
C ALA B 154 19.57 3.40 2.65
N TYR B 155 18.56 4.27 2.68
CA TYR B 155 17.73 4.48 1.50
C TYR B 155 18.56 4.94 0.32
N HIS B 156 19.36 5.98 0.52
CA HIS B 156 20.16 6.51 -0.58
C HIS B 156 21.33 5.58 -0.94
N PHE B 157 21.90 4.90 0.05
CA PHE B 157 23.09 4.07 -0.22
C PHE B 157 22.79 2.66 -0.77
N VAL B 158 21.69 2.06 -0.31
CA VAL B 158 21.30 0.70 -0.74
C VAL B 158 20.08 0.67 -1.67
N THR B 159 18.92 1.02 -1.11
CA THR B 159 17.62 0.99 -1.79
C THR B 159 17.63 1.73 -3.11
N ALA B 160 17.99 3.00 -3.09
CA ALA B 160 17.94 3.83 -4.29
C ALA B 160 18.89 3.24 -5.32
N ARG B 161 19.93 2.57 -4.83
CA ARG B 161 20.96 2.02 -5.69
C ARG B 161 20.62 0.68 -6.36
N VAL B 162 20.15 -0.29 -5.57
CA VAL B 162 19.85 -1.62 -6.11
C VAL B 162 18.48 -1.75 -6.81
N LEU B 163 17.52 -0.89 -6.44
CA LEU B 163 16.17 -0.99 -6.96
C LEU B 163 16.01 -0.09 -8.17
N TYR B 164 16.06 1.21 -7.92
CA TYR B 164 15.91 2.25 -8.94
C TYR B 164 17.15 2.53 -9.78
N GLY B 165 18.30 2.45 -9.14
CA GLY B 165 19.54 2.83 -9.78
C GLY B 165 20.19 1.86 -10.74
N ASN B 166 21.30 2.35 -11.25
CA ASN B 166 22.18 1.76 -12.21
C ASN B 166 23.25 1.03 -11.41
N GLY B 167 22.89 0.67 -10.18
CA GLY B 167 23.48 1.27 -9.03
C GLY B 167 24.90 1.49 -8.66
N ARG B 168 25.09 2.79 -8.59
CA ARG B 168 25.99 3.48 -7.72
C ARG B 168 24.99 4.32 -6.92
N ASN B 169 25.32 4.56 -5.67
CA ASN B 169 24.39 5.18 -4.77
C ASN B 169 24.18 6.67 -5.08
N ASP B 170 23.07 7.22 -4.60
CA ASP B 170 22.80 8.64 -4.79
C ASP B 170 23.97 9.55 -4.41
N PHE B 171 24.69 9.20 -3.34
CA PHE B 171 25.73 10.08 -2.86
C PHE B 171 26.84 10.16 -3.90
N SER B 172 27.34 9.00 -4.31
CA SER B 172 28.35 8.93 -5.35
C SER B 172 27.87 9.64 -6.64
N ARG B 173 26.59 9.53 -6.99
CA ARG B 173 26.15 10.23 -8.19
C ARG B 173 26.23 11.72 -8.10
N TRP B 174 25.70 12.26 -7.02
CA TRP B 174 25.66 13.71 -6.82
C TRP B 174 27.08 14.25 -6.71
N LEU B 175 27.90 13.52 -5.96
CA LEU B 175 29.30 13.88 -5.80
C LEU B 175 29.98 13.99 -7.14
N VAL B 176 29.94 12.90 -7.91
CA VAL B 176 30.53 12.93 -9.25
C VAL B 176 29.92 14.01 -10.15
N GLU B 177 28.62 13.96 -10.34
CA GLU B 177 27.90 14.93 -11.16
C GLU B 177 28.29 16.37 -10.86
N GLU B 178 28.03 16.82 -9.64
CA GLU B 178 28.22 18.23 -9.32
C GLU B 178 29.68 18.64 -9.10
N PHE B 179 30.40 17.89 -8.26
CA PHE B 179 31.79 18.24 -7.95
C PHE B 179 32.89 17.43 -8.61
N GLY B 180 32.50 16.48 -9.46
CA GLY B 180 33.47 15.59 -10.08
C GLY B 180 34.42 14.88 -9.11
N LEU B 181 33.93 14.40 -7.98
CA LEU B 181 34.83 13.71 -7.06
C LEU B 181 34.66 12.21 -7.20
N THR B 182 35.61 11.59 -7.90
CA THR B 182 35.47 10.18 -8.21
C THR B 182 36.12 9.24 -7.18
N SER B 183 36.99 9.79 -6.36
CA SER B 183 37.76 9.01 -5.40
C SER B 183 36.91 8.73 -4.16
N ALA B 184 36.11 9.73 -3.79
CA ALA B 184 35.04 9.56 -2.84
C ALA B 184 34.05 8.49 -3.32
N ALA B 185 33.57 8.63 -4.56
CA ALA B 185 32.68 7.63 -5.13
C ALA B 185 33.27 6.21 -5.05
N ASP B 186 34.54 6.05 -5.45
CA ASP B 186 35.20 4.74 -5.41
C ASP B 186 35.24 4.16 -4.02
N ALA B 187 35.65 5.02 -3.10
CA ALA B 187 35.71 4.68 -1.69
C ALA B 187 34.38 4.08 -1.20
N LEU B 188 33.27 4.77 -1.47
CA LEU B 188 31.96 4.25 -1.10
C LEU B 188 31.65 2.98 -1.87
N SER B 189 32.09 2.93 -3.12
CA SER B 189 31.79 1.80 -3.98
C SER B 189 32.48 0.56 -3.45
N ARG B 190 33.41 0.77 -2.52
CA ARG B 190 34.08 -0.34 -1.85
C ARG B 190 33.27 -0.94 -0.69
N ILE B 191 32.14 -0.33 -0.35
CA ILE B 191 31.39 -0.81 0.81
C ILE B 191 30.33 -1.84 0.41
N ASP B 192 30.49 -3.08 0.87
CA ASP B 192 29.46 -4.09 0.62
C ASP B 192 28.42 -4.01 1.73
N PRO B 193 27.23 -3.48 1.39
CA PRO B 193 26.21 -3.32 2.44
C PRO B 193 25.80 -4.64 3.10
N LEU B 194 25.82 -5.75 2.37
CA LEU B 194 25.39 -7.04 2.90
C LEU B 194 26.27 -7.56 4.04
N ILE B 195 27.43 -6.95 4.19
CA ILE B 195 28.29 -7.21 5.33
C ILE B 195 27.73 -6.64 6.65
N TYR B 196 26.80 -5.69 6.53
CA TYR B 196 26.24 -5.05 7.71
C TYR B 196 24.91 -5.61 8.09
N ASN B 197 24.72 -5.64 9.39
CA ASN B 197 23.51 -6.22 9.85
C ASN B 197 22.44 -5.26 10.37
N ASP B 198 22.89 -4.05 10.67
CA ASP B 198 21.97 -2.97 11.00
C ASP B 198 22.37 -1.68 10.27
N GLU B 199 21.44 -0.74 10.19
CA GLU B 199 21.65 0.47 9.39
C GLU B 199 22.58 1.49 10.04
N ARG B 200 22.77 1.43 11.35
CA ARG B 200 23.67 2.36 12.02
C ARG B 200 25.13 2.11 11.72
N GLN B 201 25.55 0.85 11.73
CA GLN B 201 26.93 0.54 11.35
C GLN B 201 27.18 0.93 9.90
N LEU B 202 26.18 0.69 9.06
CA LEU B 202 26.27 1.07 7.66
C LEU B 202 26.49 2.58 7.57
N LYS B 203 25.69 3.32 8.35
CA LYS B 203 25.73 4.78 8.26
C LYS B 203 27.09 5.23 8.73
N SER B 204 27.51 4.67 9.85
CA SER B 204 28.79 4.96 10.43
C SER B 204 29.89 4.80 9.40
N GLU B 205 29.94 3.64 8.75
CA GLU B 205 30.92 3.40 7.69
C GLU B 205 30.84 4.45 6.58
N VAL B 206 29.65 4.65 6.05
CA VAL B 206 29.48 5.58 4.95
C VAL B 206 29.96 6.98 5.28
N VAL B 207 29.40 7.56 6.33
CA VAL B 207 29.79 8.87 6.85
C VAL B 207 31.30 8.95 7.07
N ARG B 208 31.86 8.00 7.81
CA ARG B 208 33.31 7.98 8.03
C ARG B 208 34.10 8.05 6.72
N THR B 209 33.68 7.25 5.76
CA THR B 209 34.31 7.19 4.45
C THR B 209 34.27 8.56 3.79
N LEU B 210 33.10 9.17 3.80
CA LEU B 210 32.96 10.47 3.18
C LEU B 210 33.89 11.46 3.82
N GLU B 211 34.03 11.40 5.14
CA GLU B 211 34.83 12.39 5.85
C GLU B 211 36.30 12.16 5.54
N ARG B 212 36.70 10.91 5.46
CA ARG B 212 38.04 10.58 4.95
C ARG B 212 38.36 11.23 3.64
N ALA B 213 37.50 10.92 2.69
CA ALA B 213 37.69 11.32 1.33
C ALA B 213 37.76 12.85 1.33
N ASP B 214 36.72 13.50 1.85
CA ASP B 214 36.55 14.95 1.79
C ASP B 214 37.31 15.75 2.87
N SER B 215 37.50 15.15 4.03
CA SER B 215 37.95 15.88 5.23
C SER B 215 36.91 16.90 5.70
N ALA C 1 17.28 -20.79 -39.15
CA ALA C 1 18.44 -20.58 -38.28
C ALA C 1 18.10 -19.59 -37.16
N ASP C 2 16.84 -19.57 -36.72
CA ASP C 2 16.43 -18.52 -35.78
C ASP C 2 15.61 -18.83 -34.53
N LEU C 3 14.32 -19.09 -34.75
CA LEU C 3 13.33 -18.91 -33.71
C LEU C 3 13.24 -20.08 -32.74
N ASP C 4 13.83 -21.21 -33.15
CA ASP C 4 13.80 -22.41 -32.32
C ASP C 4 14.88 -22.38 -31.24
N SER C 5 15.84 -21.46 -31.39
CA SER C 5 16.88 -21.27 -30.38
C SER C 5 16.27 -21.02 -29.00
N LYS C 6 16.87 -21.68 -28.02
CA LYS C 6 16.36 -21.75 -26.67
C LYS C 6 17.07 -20.74 -25.80
N ALA C 7 16.34 -20.21 -24.84
CA ALA C 7 16.94 -19.35 -23.84
C ALA C 7 17.10 -20.16 -22.56
N LYS C 8 18.27 -19.98 -21.95
CA LYS C 8 18.60 -20.62 -20.69
C LYS C 8 17.64 -20.29 -19.55
N SER C 9 17.30 -19.01 -19.43
CA SER C 9 16.24 -18.56 -18.52
C SER C 9 15.01 -18.05 -19.29
N PRO C 10 13.83 -18.64 -19.04
CA PRO C 10 12.60 -18.22 -19.73
C PRO C 10 12.19 -16.77 -19.42
N PHE C 11 11.36 -16.18 -20.27
CA PHE C 11 10.88 -14.82 -20.06
C PHE C 11 9.49 -14.86 -19.42
N VAL C 12 9.37 -14.27 -18.24
CA VAL C 12 8.11 -14.33 -17.53
C VAL C 12 7.36 -13.01 -17.66
N PHE C 13 6.15 -13.08 -18.19
CA PHE C 13 5.37 -11.86 -18.42
C PHE C 13 4.63 -11.40 -17.17
N LYS C 14 4.85 -10.14 -16.80
CA LYS C 14 4.24 -9.59 -15.60
C LYS C 14 3.45 -8.37 -15.95
N SER C 15 2.58 -7.97 -15.03
CA SER C 15 1.87 -6.72 -15.13
C SER C 15 1.82 -6.11 -13.73
N ALA C 16 1.10 -5.01 -13.56
CA ALA C 16 1.02 -4.40 -12.25
C ALA C 16 -0.23 -3.59 -12.04
N TYR C 17 -0.62 -3.48 -10.79
CA TYR C 17 -1.67 -2.58 -10.38
C TYR C 17 -0.90 -1.38 -9.88
N TYR C 18 -1.34 -0.17 -10.23
CA TYR C 18 -0.57 1.00 -9.80
C TYR C 18 -1.25 1.69 -8.64
N LEU C 19 -0.53 1.74 -7.53
CA LEU C 19 -1.03 2.31 -6.28
C LEU C 19 -0.68 3.79 -6.25
N SER C 20 -1.71 4.64 -6.19
CA SER C 20 -1.56 6.09 -6.22
C SER C 20 -1.52 6.72 -4.83
N LEU C 21 -0.34 7.20 -4.45
CA LEU C 21 -0.11 7.75 -3.14
C LEU C 21 -0.09 9.28 -3.11
N TYR C 22 -0.75 9.83 -2.10
CA TYR C 22 -0.71 11.24 -1.82
C TYR C 22 0.64 11.56 -1.20
N THR C 23 1.35 12.55 -1.76
CA THR C 23 2.68 12.90 -1.24
C THR C 23 2.75 14.11 -0.31
N LYS C 24 1.61 14.75 -0.04
CA LYS C 24 1.58 15.96 0.79
C LYS C 24 2.08 17.18 0.07
N ARG C 25 2.59 16.99 -1.14
CA ARG C 25 3.16 18.09 -1.88
C ARG C 25 2.19 18.69 -2.90
N ARG C 26 2.19 20.01 -2.99
CA ARG C 26 1.33 20.73 -3.89
C ARG C 26 1.99 22.01 -4.38
N ALA C 27 1.85 22.30 -5.67
CA ALA C 27 2.42 23.54 -6.24
C ALA C 27 1.36 24.59 -6.66
N ARG C 28 1.55 25.80 -6.16
CA ARG C 28 0.79 26.95 -6.62
C ARG C 28 1.46 27.70 -7.82
N ASN C 29 2.74 27.43 -8.08
CA ASN C 29 3.50 28.16 -9.10
C ASN C 29 4.72 27.40 -9.61
N LEU C 30 5.47 28.03 -10.53
CA LEU C 30 6.63 27.36 -11.14
C LEU C 30 7.70 27.02 -10.12
N ARG C 31 8.06 27.97 -9.26
CA ARG C 31 9.05 27.67 -8.25
C ARG C 31 8.65 26.47 -7.37
N GLN C 32 7.43 26.46 -6.86
CA GLN C 32 6.98 25.29 -6.09
C GLN C 32 6.97 24.00 -6.89
N LEU C 33 6.63 24.10 -8.18
CA LEU C 33 6.62 22.93 -9.07
C LEU C 33 8.03 22.33 -9.19
N ALA C 34 9.01 23.19 -9.46
CA ALA C 34 10.43 22.84 -9.49
C ALA C 34 10.89 22.20 -8.19
N GLU C 35 10.54 22.82 -7.08
CA GLU C 35 10.86 22.25 -5.79
C GLU C 35 10.34 20.82 -5.67
N GLY C 36 9.07 20.63 -6.04
CA GLY C 36 8.45 19.33 -5.92
C GLY C 36 9.12 18.31 -6.80
N ILE C 37 9.44 18.73 -8.02
CA ILE C 37 10.06 17.84 -8.96
C ILE C 37 11.45 17.44 -8.48
N ARG C 38 12.12 18.38 -7.84
CA ARG C 38 13.46 18.15 -7.34
C ARG C 38 13.41 17.15 -6.20
N ALA C 39 12.47 17.32 -5.30
CA ALA C 39 12.43 16.51 -4.08
C ALA C 39 11.60 15.24 -4.28
N ALA C 40 11.03 15.09 -5.46
CA ALA C 40 10.06 14.05 -5.71
C ALA C 40 10.67 12.64 -5.67
N ASP C 41 9.94 11.65 -5.15
CA ASP C 41 10.40 10.25 -5.29
C ASP C 41 10.26 9.75 -6.73
N PRO C 42 11.00 8.68 -7.10
CA PRO C 42 10.94 8.26 -8.51
C PRO C 42 9.52 7.92 -8.95
N GLY C 43 8.67 7.53 -8.00
CA GLY C 43 7.30 7.16 -8.30
C GLY C 43 6.47 8.31 -8.82
N VAL C 44 6.77 9.51 -8.31
CA VAL C 44 6.11 10.75 -8.69
C VAL C 44 6.41 11.10 -10.16
N ILE C 45 7.69 11.07 -10.51
CA ILE C 45 8.13 11.26 -11.89
C ILE C 45 7.53 10.22 -12.82
N PHE C 46 7.64 8.97 -12.43
CA PHE C 46 7.00 7.95 -13.23
C PHE C 46 5.52 8.23 -13.47
N HIS C 47 4.80 8.63 -12.43
CA HIS C 47 3.37 8.82 -12.54
C HIS C 47 3.00 9.98 -13.45
N HIS C 48 3.68 11.12 -13.29
CA HIS C 48 3.29 12.32 -14.03
C HIS C 48 3.93 12.42 -15.41
N VAL C 49 4.92 11.58 -15.67
CA VAL C 49 5.55 11.52 -16.99
C VAL C 49 5.22 10.24 -17.79
N PHE C 50 5.70 9.07 -17.37
CA PHE C 50 5.48 7.86 -18.17
C PHE C 50 4.10 7.20 -18.02
N HIS C 51 3.50 7.28 -16.85
CA HIS C 51 2.19 6.70 -16.69
C HIS C 51 1.18 7.28 -17.70
N VAL C 52 1.46 8.46 -18.27
CA VAL C 52 0.50 9.04 -19.23
C VAL C 52 0.22 8.13 -20.42
N VAL C 53 1.13 7.21 -20.71
CA VAL C 53 0.90 6.26 -21.80
C VAL C 53 -0.37 5.46 -21.58
N PHE C 54 -0.78 5.34 -20.32
CA PHE C 54 -1.98 4.56 -20.01
C PHE C 54 -3.25 5.28 -20.40
N ALA C 55 -4.22 4.52 -20.92
CA ALA C 55 -5.46 5.10 -21.39
C ALA C 55 -6.19 5.78 -20.25
N LYS C 56 -6.20 5.13 -19.08
CA LYS C 56 -6.86 5.73 -17.92
C LYS C 56 -6.23 7.05 -17.50
N HIS C 57 -4.93 7.18 -17.69
CA HIS C 57 -4.28 8.45 -17.38
C HIS C 57 -4.65 9.37 -18.54
N LEU C 58 -5.43 10.40 -18.22
CA LEU C 58 -6.02 11.28 -19.22
C LEU C 58 -5.03 12.27 -19.78
N LEU C 59 -4.85 12.20 -21.08
CA LEU C 59 -3.84 13.01 -21.67
C LEU C 59 -4.28 13.56 -22.99
N HIS C 60 -4.00 14.84 -23.17
CA HIS C 60 -4.32 15.61 -24.34
C HIS C 60 -3.13 15.59 -25.34
N PRO C 61 -3.39 15.43 -26.64
CA PRO C 61 -2.25 15.57 -27.57
C PRO C 61 -1.50 16.88 -27.38
N TYR C 62 -0.21 16.87 -27.66
CA TYR C 62 0.61 18.08 -27.65
C TYR C 62 0.94 18.51 -26.22
N TYR C 63 0.39 17.74 -25.27
CA TYR C 63 0.91 17.63 -23.91
C TYR C 63 1.41 16.18 -23.75
N THR C 64 2.70 16.00 -23.47
CA THR C 64 3.23 14.64 -23.26
C THR C 64 3.36 14.21 -21.79
N ASN C 65 3.08 15.15 -20.87
CA ASN C 65 3.17 14.84 -19.44
C ASN C 65 2.35 15.79 -18.58
N ASP C 66 2.08 15.41 -17.33
CA ASP C 66 1.25 16.21 -16.43
C ASP C 66 1.77 17.63 -16.21
N PHE C 67 3.08 17.76 -16.11
CA PHE C 67 3.70 19.04 -15.81
C PHE C 67 3.43 20.04 -16.91
N ALA C 68 3.69 19.63 -18.16
CA ALA C 68 3.40 20.47 -19.33
C ALA C 68 1.93 20.86 -19.39
N ARG C 69 1.04 19.89 -19.13
CA ARG C 69 -0.40 20.15 -19.12
C ARG C 69 -0.77 21.21 -18.09
N TRP C 70 -0.35 21.00 -16.84
CA TRP C 70 -0.59 21.98 -15.78
C TRP C 70 -0.08 23.37 -16.17
N VAL C 71 1.18 23.48 -16.58
CA VAL C 71 1.71 24.77 -16.98
C VAL C 71 0.89 25.44 -18.11
N GLY C 72 0.47 24.65 -19.11
CA GLY C 72 -0.31 25.19 -20.22
C GLY C 72 -1.72 25.64 -19.85
N GLU C 73 -2.45 24.79 -19.14
CA GLU C 73 -3.83 25.05 -18.76
C GLU C 73 -4.03 25.96 -17.54
N GLU C 74 -3.26 25.71 -16.49
CA GLU C 74 -3.33 26.51 -15.26
C GLU C 74 -2.51 27.81 -15.24
N LEU C 75 -1.33 27.81 -15.84
CA LEU C 75 -0.56 29.04 -15.85
C LEU C 75 -0.71 29.74 -17.18
N ASN C 76 -1.40 29.10 -18.12
CA ASN C 76 -1.49 29.60 -19.50
C ASN C 76 -0.17 30.10 -20.09
N ASP C 77 0.92 29.38 -19.82
CA ASP C 77 2.22 29.67 -20.40
C ASP C 77 2.55 28.59 -21.40
N ASP C 78 2.40 28.98 -22.66
CA ASP C 78 2.35 28.05 -23.77
C ASP C 78 3.73 27.61 -24.25
N ASP C 79 4.63 28.58 -24.36
CA ASP C 79 5.98 28.28 -24.80
C ASP C 79 6.61 27.28 -23.83
N LEU C 80 6.49 27.57 -22.54
CA LEU C 80 7.02 26.67 -21.50
C LEU C 80 6.39 25.29 -21.61
N ALA C 81 5.07 25.23 -21.66
CA ALA C 81 4.38 23.95 -21.85
C ALA C 81 5.00 23.15 -22.99
N ILE C 82 5.25 23.80 -24.12
CA ILE C 82 5.87 23.14 -25.26
C ILE C 82 7.27 22.61 -24.93
N GLU C 83 8.09 23.45 -24.31
CA GLU C 83 9.41 23.03 -23.89
C GLU C 83 9.29 21.78 -23.04
N LEU C 84 8.36 21.81 -22.08
CA LEU C 84 8.12 20.70 -21.18
C LEU C 84 7.58 19.42 -21.85
N SER C 85 6.89 19.54 -22.99
CA SER C 85 6.41 18.37 -23.71
C SER C 85 7.48 17.77 -24.58
N SER C 86 8.52 18.57 -24.84
CA SER C 86 9.53 18.17 -25.82
C SER C 86 10.63 17.27 -25.24
N ILE C 87 10.51 16.98 -23.95
CA ILE C 87 11.41 16.05 -23.28
C ILE C 87 11.25 14.62 -23.82
N SER C 88 12.35 14.00 -24.22
CA SER C 88 12.27 12.64 -24.80
C SER C 88 12.13 11.58 -23.73
N GLY C 89 11.21 10.64 -23.97
CA GLY C 89 11.05 9.51 -23.08
C GLY C 89 11.65 8.24 -23.67
N ALA C 90 12.43 8.39 -24.73
CA ALA C 90 13.05 7.24 -25.37
C ALA C 90 14.22 6.72 -24.54
N GLU C 91 14.61 5.47 -24.78
CA GLU C 91 15.78 4.93 -24.09
C GLU C 91 17.03 5.76 -24.44
N PRO C 92 18.07 5.67 -23.59
CA PRO C 92 18.01 4.94 -22.32
C PRO C 92 17.60 5.84 -21.16
N ALA C 93 16.52 6.61 -21.33
CA ALA C 93 16.11 7.58 -20.32
C ALA C 93 15.47 6.88 -19.13
N THR C 94 15.92 7.25 -17.93
CA THR C 94 15.24 6.78 -16.73
C THR C 94 14.57 7.94 -16.03
N VAL C 95 13.89 7.62 -14.96
CA VAL C 95 13.20 8.60 -14.16
C VAL C 95 14.10 9.76 -13.72
N GLU C 96 15.36 9.47 -13.36
CA GLU C 96 16.27 10.56 -12.97
C GLU C 96 16.63 11.47 -14.16
N ASP C 97 16.87 10.86 -15.32
CA ASP C 97 17.16 11.63 -16.52
C ASP C 97 16.06 12.68 -16.76
N VAL C 98 14.82 12.21 -16.85
CA VAL C 98 13.67 13.09 -17.03
C VAL C 98 13.56 14.13 -15.90
N ARG C 99 13.78 13.71 -14.65
CA ARG C 99 13.76 14.67 -13.55
C ARG C 99 14.68 15.83 -13.93
N ARG C 100 15.89 15.48 -14.33
CA ARG C 100 16.95 16.42 -14.69
C ARG C 100 16.57 17.36 -15.82
N GLU C 101 16.02 16.80 -16.89
CA GLU C 101 15.64 17.57 -18.05
C GLU C 101 14.53 18.55 -17.68
N LEU C 102 13.51 18.05 -17.00
CA LEU C 102 12.45 18.91 -16.46
C LEU C 102 13.05 20.09 -15.69
N LEU C 103 13.88 19.77 -14.70
CA LEU C 103 14.46 20.82 -13.89
C LEU C 103 15.27 21.79 -14.73
N ALA C 104 15.95 21.28 -15.76
CA ALA C 104 16.74 22.12 -16.66
C ALA C 104 15.85 23.12 -17.41
N VAL C 105 14.63 22.70 -17.75
CA VAL C 105 13.72 23.61 -18.44
C VAL C 105 13.08 24.63 -17.50
N LEU C 106 12.73 24.18 -16.30
CA LEU C 106 12.06 25.05 -15.34
C LEU C 106 12.97 26.07 -14.69
N GLU C 107 14.13 25.64 -14.21
CA GLU C 107 14.97 26.48 -13.37
C GLU C 107 15.10 27.94 -13.85
N PRO C 108 15.50 28.16 -15.12
CA PRO C 108 15.58 29.54 -15.62
C PRO C 108 14.25 30.28 -15.55
N ARG C 109 13.16 29.53 -15.68
CA ARG C 109 11.84 30.12 -15.82
C ARG C 109 10.99 30.23 -14.58
N ALA C 110 11.47 29.72 -13.46
CA ALA C 110 10.65 29.69 -12.27
C ALA C 110 10.28 31.11 -11.84
N ASP C 111 9.00 31.32 -11.52
CA ASP C 111 8.51 32.57 -10.93
C ASP C 111 7.44 32.26 -9.88
N GLU C 112 6.92 33.29 -9.22
CA GLU C 112 5.98 33.08 -8.13
C GLU C 112 4.50 33.31 -8.53
N ARG C 113 4.28 33.62 -9.80
CA ARG C 113 2.93 33.82 -10.34
C ARG C 113 2.09 32.56 -10.07
N ALA C 114 0.95 32.76 -9.42
CA ALA C 114 0.09 31.67 -8.99
C ALA C 114 -0.83 31.16 -10.10
N ALA C 115 -1.02 29.85 -10.11
CA ALA C 115 -1.92 29.15 -11.02
C ALA C 115 -3.25 29.06 -10.32
N ARG C 116 -4.33 29.10 -11.07
CA ARG C 116 -5.61 29.08 -10.40
C ARG C 116 -5.93 27.73 -9.77
N ARG C 117 -5.36 26.66 -10.32
CA ARG C 117 -5.55 25.32 -9.77
C ARG C 117 -4.18 24.75 -9.41
N GLU C 118 -3.95 24.44 -8.13
CA GLU C 118 -2.65 23.91 -7.72
C GLU C 118 -2.33 22.57 -8.37
N PHE C 119 -1.05 22.25 -8.43
CA PHE C 119 -0.59 20.94 -8.87
C PHE C 119 -0.35 20.01 -7.67
N VAL C 120 -1.03 18.87 -7.68
CA VAL C 120 -0.94 17.88 -6.61
C VAL C 120 -0.05 16.70 -7.02
N PHE C 121 1.09 16.56 -6.34
CA PHE C 121 2.05 15.51 -6.65
C PHE C 121 1.57 14.17 -6.14
N VAL C 122 1.47 13.22 -7.05
CA VAL C 122 1.05 11.86 -6.69
C VAL C 122 2.16 10.88 -7.05
N SER C 123 2.33 9.84 -6.24
CA SER C 123 3.32 8.81 -6.57
C SER C 123 2.66 7.50 -6.99
N MET C 124 3.24 6.82 -7.98
CA MET C 124 2.80 5.46 -8.31
C MET C 124 3.76 4.45 -7.72
N VAL C 125 3.23 3.47 -7.00
CA VAL C 125 4.00 2.24 -6.74
C VAL C 125 3.37 1.03 -7.39
N PRO C 126 4.12 0.40 -8.29
CA PRO C 126 3.60 -0.81 -8.93
C PRO C 126 3.52 -1.97 -7.95
N ILE C 127 2.36 -2.63 -7.92
CA ILE C 127 2.23 -3.94 -7.31
C ILE C 127 2.21 -4.91 -8.47
N VAL C 128 3.32 -5.62 -8.61
CA VAL C 128 3.61 -6.42 -9.79
C VAL C 128 3.10 -7.82 -9.52
N TYR C 129 2.47 -8.41 -10.53
CA TYR C 129 1.95 -9.77 -10.45
C TYR C 129 2.20 -10.49 -11.77
N GLU C 130 2.23 -11.82 -11.73
CA GLU C 130 2.42 -12.59 -12.95
C GLU C 130 1.19 -12.64 -13.82
N VAL C 131 1.45 -12.60 -15.13
CA VAL C 131 0.43 -12.63 -16.16
C VAL C 131 -0.01 -14.05 -16.51
N GLY C 132 0.90 -15.01 -16.38
CA GLY C 132 0.62 -16.35 -16.86
C GLY C 132 1.12 -16.68 -18.25
N LEU C 133 2.17 -15.98 -18.69
CA LEU C 133 2.88 -16.33 -19.90
C LEU C 133 4.37 -16.50 -19.65
N LYS C 134 4.91 -17.63 -20.08
CA LYS C 134 6.36 -17.87 -20.07
C LYS C 134 6.81 -18.21 -21.47
N ALA C 135 8.01 -17.76 -21.82
CA ALA C 135 8.56 -18.03 -23.12
C ALA C 135 10.01 -18.47 -23.05
N GLU C 136 10.26 -19.73 -23.43
CA GLU C 136 11.60 -20.32 -23.50
C GLU C 136 12.40 -20.03 -24.78
N THR C 137 11.70 -19.87 -25.90
CA THR C 137 12.37 -19.68 -27.19
C THR C 137 11.91 -18.41 -27.89
N LEU C 138 12.72 -17.96 -28.84
CA LEU C 138 12.41 -16.77 -29.61
C LEU C 138 10.97 -16.79 -30.14
N ALA C 139 10.58 -17.89 -30.79
CA ALA C 139 9.25 -18.01 -31.37
C ALA C 139 8.18 -17.88 -30.29
N GLU C 140 8.39 -18.59 -29.18
CA GLU C 140 7.46 -18.55 -28.04
C GLU C 140 7.38 -17.12 -27.53
N PHE C 141 8.52 -16.44 -27.52
CA PHE C 141 8.56 -15.04 -27.14
C PHE C 141 7.62 -14.21 -28.01
N LEU C 142 7.85 -14.23 -29.33
CA LEU C 142 6.97 -13.53 -30.28
C LEU C 142 5.48 -13.83 -30.07
N ASP C 143 5.14 -15.10 -29.97
CA ASP C 143 3.75 -15.49 -29.74
C ASP C 143 3.24 -14.83 -28.47
N ALA C 144 4.01 -14.94 -27.38
CA ALA C 144 3.57 -14.41 -26.10
C ALA C 144 3.37 -12.89 -26.14
N VAL C 145 4.41 -12.17 -26.56
CA VAL C 145 4.35 -10.72 -26.62
C VAL C 145 3.18 -10.25 -27.49
N ALA C 146 2.87 -10.98 -28.56
CA ALA C 146 1.62 -10.68 -29.29
C ALA C 146 0.36 -11.02 -28.47
N ALA C 147 0.45 -12.07 -27.66
CA ALA C 147 -0.66 -12.52 -26.83
C ALA C 147 -0.81 -11.69 -25.54
N ALA C 148 0.26 -11.02 -25.12
CA ALA C 148 0.26 -10.35 -23.82
C ALA C 148 -0.75 -9.20 -23.76
N PRO C 149 -1.42 -9.06 -22.61
CA PRO C 149 -2.25 -7.86 -22.37
C PRO C 149 -1.41 -6.60 -22.56
N PRO C 150 -1.98 -5.57 -23.18
CA PRO C 150 -1.29 -4.30 -23.40
C PRO C 150 -0.58 -3.77 -22.17
N GLU C 151 -1.16 -3.99 -21.00
CA GLU C 151 -0.57 -3.46 -19.76
C GLU C 151 0.67 -4.24 -19.32
N SER C 152 0.81 -5.45 -19.85
CA SER C 152 2.01 -6.24 -19.62
C SER C 152 3.13 -5.66 -20.47
N VAL C 153 2.83 -5.42 -21.72
CA VAL C 153 3.81 -4.83 -22.61
C VAL C 153 4.21 -3.45 -22.05
N ALA C 154 3.25 -2.67 -21.57
CA ALA C 154 3.57 -1.37 -20.98
C ALA C 154 4.51 -1.59 -19.83
N TYR C 155 4.18 -2.57 -18.98
CA TYR C 155 5.00 -2.80 -17.81
C TYR C 155 6.44 -3.13 -18.19
N HIS C 156 6.64 -4.11 -19.05
CA HIS C 156 7.99 -4.52 -19.43
C HIS C 156 8.74 -3.47 -20.26
N PHE C 157 8.00 -2.75 -21.10
CA PHE C 157 8.61 -1.77 -21.98
C PHE C 157 8.87 -0.39 -21.35
N VAL C 158 7.94 0.07 -20.52
CA VAL C 158 8.06 1.41 -19.90
C VAL C 158 8.43 1.34 -18.41
N THR C 159 7.47 0.89 -17.59
CA THR C 159 7.63 0.84 -16.14
C THR C 159 8.93 0.21 -15.67
N ALA C 160 9.12 -1.05 -16.05
CA ALA C 160 10.32 -1.80 -15.73
C ALA C 160 11.59 -1.02 -16.10
N ARG C 161 11.57 -0.41 -17.28
CA ARG C 161 12.74 0.30 -17.80
C ARG C 161 13.06 1.67 -17.18
N VAL C 162 12.05 2.52 -16.99
CA VAL C 162 12.28 3.85 -16.40
C VAL C 162 12.40 3.87 -14.87
N LEU C 163 11.67 2.98 -14.21
CA LEU C 163 11.71 2.91 -12.75
C LEU C 163 12.91 2.11 -12.33
N TYR C 164 12.81 0.80 -12.49
CA TYR C 164 13.77 -0.17 -11.98
C TYR C 164 15.02 -0.30 -12.83
N GLY C 165 14.82 -0.26 -14.13
CA GLY C 165 15.88 -0.56 -15.08
C GLY C 165 16.95 0.50 -15.25
N ASN C 166 17.87 0.17 -16.14
CA ASN C 166 19.04 0.98 -16.41
C ASN C 166 18.75 1.98 -17.54
N GLY C 167 17.52 1.98 -18.04
CA GLY C 167 17.19 2.74 -19.24
C GLY C 167 16.99 1.81 -20.43
N ARG C 168 16.93 0.51 -20.12
CA ARG C 168 16.59 -0.48 -21.13
C ARG C 168 15.45 -1.37 -20.72
N ASN C 169 14.54 -1.60 -21.65
CA ASN C 169 13.35 -2.37 -21.35
C ASN C 169 13.72 -3.84 -21.21
N ASP C 170 12.83 -4.59 -20.55
CA ASP C 170 13.07 -5.99 -20.28
C ASP C 170 13.22 -6.86 -21.52
N PHE C 171 12.43 -6.57 -22.55
CA PHE C 171 12.52 -7.33 -23.78
C PHE C 171 13.91 -7.19 -24.38
N SER C 172 14.37 -5.94 -24.50
CA SER C 172 15.70 -5.69 -25.06
C SER C 172 16.74 -6.51 -24.31
N ARG C 173 16.71 -6.43 -22.98
CA ARG C 173 17.66 -7.15 -22.12
C ARG C 173 17.65 -8.67 -22.30
N TRP C 174 16.45 -9.25 -22.32
CA TRP C 174 16.32 -10.68 -22.51
C TRP C 174 16.89 -11.09 -23.88
N LEU C 175 16.50 -10.33 -24.91
CA LEU C 175 16.99 -10.59 -26.25
C LEU C 175 18.51 -10.54 -26.32
N VAL C 176 19.10 -9.47 -25.80
CA VAL C 176 20.56 -9.29 -25.88
C VAL C 176 21.33 -10.33 -25.04
N GLU C 177 20.91 -10.50 -23.79
CA GLU C 177 21.49 -11.49 -22.88
C GLU C 177 21.47 -12.90 -23.48
N GLU C 178 20.27 -13.42 -23.70
CA GLU C 178 20.16 -14.78 -24.18
C GLU C 178 20.61 -14.98 -25.62
N PHE C 179 20.04 -14.21 -26.54
CA PHE C 179 20.31 -14.41 -27.96
C PHE C 179 21.26 -13.41 -28.62
N GLY C 180 21.78 -12.47 -27.84
CA GLY C 180 22.73 -11.48 -28.34
C GLY C 180 22.22 -10.72 -29.55
N LEU C 181 20.94 -10.35 -29.54
CA LEU C 181 20.37 -9.63 -30.66
C LEU C 181 20.31 -8.15 -30.31
N THR C 182 21.33 -7.42 -30.75
CA THR C 182 21.48 -6.00 -30.48
C THR C 182 20.68 -5.11 -31.43
N SER C 183 20.58 -5.54 -32.69
CA SER C 183 19.81 -4.79 -33.66
C SER C 183 18.39 -4.62 -33.18
N ALA C 184 17.78 -5.71 -32.72
CA ALA C 184 16.43 -5.67 -32.17
C ALA C 184 16.38 -4.63 -31.03
N ALA C 185 17.25 -4.78 -30.04
CA ALA C 185 17.22 -3.87 -28.90
C ALA C 185 17.28 -2.41 -29.37
N ASP C 186 18.08 -2.15 -30.41
CA ASP C 186 18.24 -0.80 -30.95
C ASP C 186 16.94 -0.29 -31.55
N ALA C 187 16.36 -1.14 -32.39
CA ALA C 187 15.08 -0.84 -33.00
C ALA C 187 14.08 -0.45 -31.90
N LEU C 188 13.95 -1.28 -30.88
CA LEU C 188 13.09 -0.96 -29.75
C LEU C 188 13.46 0.36 -29.09
N SER C 189 14.75 0.63 -29.00
CA SER C 189 15.22 1.82 -28.30
C SER C 189 14.78 3.06 -29.05
N ARG C 190 14.41 2.89 -30.31
CA ARG C 190 13.93 4.03 -31.09
C ARG C 190 12.44 4.41 -30.83
N ILE C 191 11.73 3.65 -30.00
CA ILE C 191 10.34 3.99 -29.67
C ILE C 191 10.21 4.95 -28.46
N ASP C 192 9.57 6.09 -28.66
CA ASP C 192 9.28 7.01 -27.55
C ASP C 192 7.86 6.70 -27.04
N PRO C 193 7.77 6.05 -25.87
CA PRO C 193 6.42 5.76 -25.34
C PRO C 193 5.57 7.03 -25.11
N LEU C 194 6.18 8.16 -24.80
CA LEU C 194 5.44 9.39 -24.50
C LEU C 194 4.61 9.86 -25.69
N ILE C 195 4.90 9.31 -26.86
CA ILE C 195 4.22 9.71 -28.09
C ILE C 195 2.80 9.11 -28.16
N TYR C 196 2.58 8.06 -27.37
CA TYR C 196 1.33 7.31 -27.35
C TYR C 196 0.47 7.68 -26.16
N ASN C 197 -0.81 7.85 -26.42
CA ASN C 197 -1.81 8.11 -25.39
C ASN C 197 -2.38 6.85 -24.74
N ASP C 198 -2.44 5.76 -25.48
CA ASP C 198 -2.83 4.49 -24.86
C ASP C 198 -1.86 3.33 -25.06
N GLU C 199 -2.06 2.29 -24.24
CA GLU C 199 -1.14 1.18 -24.12
C GLU C 199 -1.26 0.15 -25.22
N ARG C 200 -2.41 0.03 -25.87
CA ARG C 200 -2.46 -0.94 -26.96
C ARG C 200 -1.80 -0.43 -28.24
N GLN C 201 -1.78 0.89 -28.38
CA GLN C 201 -1.02 1.50 -29.46
C GLN C 201 0.47 1.21 -29.26
N LEU C 202 0.97 1.54 -28.07
CA LEU C 202 2.31 1.18 -27.69
C LEU C 202 2.56 -0.28 -28.02
N LYS C 203 1.62 -1.15 -27.63
CA LYS C 203 1.80 -2.57 -27.88
C LYS C 203 2.00 -2.84 -29.37
N SER C 204 1.11 -2.30 -30.19
CA SER C 204 1.21 -2.45 -31.65
C SER C 204 2.60 -2.11 -32.14
N GLU C 205 3.09 -0.98 -31.67
CA GLU C 205 4.37 -0.51 -32.14
C GLU C 205 5.50 -1.48 -31.74
N VAL C 206 5.42 -1.99 -30.51
CA VAL C 206 6.45 -2.89 -29.99
C VAL C 206 6.45 -4.23 -30.72
N VAL C 207 5.27 -4.82 -30.86
CA VAL C 207 5.12 -6.09 -31.56
C VAL C 207 5.52 -5.98 -33.05
N ARG C 208 5.20 -4.85 -33.67
CA ARG C 208 5.60 -4.58 -35.05
C ARG C 208 7.11 -4.48 -35.18
N THR C 209 7.73 -3.71 -34.29
CA THR C 209 9.19 -3.60 -34.29
C THR C 209 9.83 -5.01 -34.14
N LEU C 210 9.37 -5.78 -33.15
CA LEU C 210 9.90 -7.14 -32.96
C LEU C 210 9.68 -8.05 -34.17
N GLU C 211 8.50 -8.02 -34.75
CA GLU C 211 8.18 -8.94 -35.83
C GLU C 211 9.12 -8.64 -36.98
N ARG C 212 9.14 -7.37 -37.30
CA ARG C 212 10.04 -6.76 -38.23
C ARG C 212 11.51 -7.24 -38.02
N ALA C 213 12.01 -7.14 -36.80
CA ALA C 213 13.38 -7.55 -36.43
C ALA C 213 13.69 -9.07 -36.48
N ASP C 214 12.83 -9.88 -35.85
CA ASP C 214 12.99 -11.33 -35.76
C ASP C 214 12.50 -12.14 -36.99
N SER C 215 11.30 -11.82 -37.47
CA SER C 215 10.69 -12.61 -38.55
C SER C 215 11.13 -12.07 -39.90
N ASP D 2 -43.83 3.49 -6.69
CA ASP D 2 -42.83 3.06 -5.72
C ASP D 2 -41.40 3.32 -6.20
N LEU D 3 -41.00 2.80 -7.36
CA LEU D 3 -39.60 2.93 -7.79
C LEU D 3 -39.19 4.31 -8.29
N ASP D 4 -40.15 5.20 -8.47
CA ASP D 4 -39.84 6.55 -8.90
C ASP D 4 -39.46 7.42 -7.72
N SER D 5 -39.75 6.94 -6.51
CA SER D 5 -39.47 7.71 -5.32
C SER D 5 -37.99 8.04 -5.29
N LYS D 6 -37.68 9.15 -4.64
CA LYS D 6 -36.35 9.69 -4.70
C LYS D 6 -35.70 9.68 -3.31
N ALA D 7 -34.38 9.52 -3.29
CA ALA D 7 -33.61 9.52 -2.05
C ALA D 7 -33.04 10.92 -1.96
N LYS D 8 -32.84 11.47 -0.77
CA LYS D 8 -32.25 12.79 -0.73
C LYS D 8 -30.74 12.75 -0.92
N SER D 9 -30.13 11.68 -0.43
CA SER D 9 -28.72 11.40 -0.68
C SER D 9 -28.67 10.18 -1.60
N PRO D 10 -28.00 10.30 -2.75
CA PRO D 10 -27.81 9.18 -3.69
C PRO D 10 -26.86 8.08 -3.19
N PHE D 11 -27.02 6.88 -3.73
CA PHE D 11 -26.07 5.79 -3.47
C PHE D 11 -24.91 5.83 -4.46
N VAL D 12 -23.68 5.84 -3.96
CA VAL D 12 -22.52 5.82 -4.83
C VAL D 12 -21.89 4.42 -4.79
N PHE D 13 -21.72 3.81 -5.96
CA PHE D 13 -21.14 2.49 -6.01
C PHE D 13 -19.61 2.52 -5.97
N LYS D 14 -19.05 1.59 -5.22
CA LYS D 14 -17.62 1.56 -5.04
C LYS D 14 -17.14 0.12 -5.01
N SER D 15 -15.87 -0.05 -5.35
CA SER D 15 -15.25 -1.36 -5.38
C SER D 15 -13.93 -1.17 -4.68
N ALA D 16 -13.12 -2.22 -4.61
CA ALA D 16 -11.81 -2.10 -4.01
C ALA D 16 -10.83 -3.08 -4.60
N TYR D 17 -9.57 -2.66 -4.68
CA TYR D 17 -8.49 -3.59 -4.93
C TYR D 17 -8.07 -4.04 -3.53
N TYR D 18 -7.64 -5.29 -3.34
CA TYR D 18 -7.25 -5.72 -1.99
C TYR D 18 -5.77 -5.97 -1.90
N LEU D 19 -5.13 -5.19 -1.03
CA LEU D 19 -3.68 -5.21 -0.87
C LEU D 19 -3.31 -6.26 0.17
N SER D 20 -2.54 -7.26 -0.26
CA SER D 20 -2.15 -8.41 0.60
C SER D 20 -0.83 -8.20 1.33
N LEU D 21 -0.91 -8.09 2.66
CA LEU D 21 0.23 -7.68 3.46
C LEU D 21 0.76 -8.86 4.26
N TYR D 22 2.08 -9.04 4.23
CA TYR D 22 2.78 -9.99 5.07
C TYR D 22 2.76 -9.52 6.54
N THR D 23 2.28 -10.37 7.44
CA THR D 23 2.21 -9.98 8.84
C THR D 23 3.35 -10.50 9.70
N LYS D 24 4.21 -11.35 9.15
CA LYS D 24 5.29 -11.94 9.95
C LYS D 24 4.87 -12.92 11.07
N ARG D 25 3.58 -13.19 11.20
CA ARG D 25 3.08 -14.21 12.14
C ARG D 25 2.81 -15.55 11.40
N ARG D 26 3.27 -16.66 11.98
CA ARG D 26 2.98 -18.00 11.47
C ARG D 26 2.54 -18.96 12.57
N ALA D 27 1.73 -19.97 12.24
CA ALA D 27 1.26 -20.95 13.22
C ALA D 27 1.74 -22.35 12.83
N ARG D 28 2.45 -23.04 13.73
CA ARG D 28 2.82 -24.42 13.47
C ARG D 28 1.81 -25.42 14.08
N ASN D 29 0.92 -24.93 14.95
CA ASN D 29 -0.08 -25.79 15.60
C ASN D 29 -1.33 -25.00 16.03
N LEU D 30 -2.31 -25.70 16.60
CA LEU D 30 -3.58 -25.08 17.02
C LEU D 30 -3.39 -23.99 18.06
N ARG D 31 -2.50 -24.23 19.02
CA ARG D 31 -2.19 -23.25 20.05
C ARG D 31 -1.81 -21.90 19.41
N GLN D 32 -0.82 -21.98 18.54
CA GLN D 32 -0.32 -20.83 17.84
C GLN D 32 -1.37 -20.25 16.94
N LEU D 33 -2.15 -21.08 16.28
CA LEU D 33 -3.18 -20.57 15.39
C LEU D 33 -4.10 -19.68 16.20
N ALA D 34 -4.46 -20.17 17.38
CA ALA D 34 -5.37 -19.48 18.29
C ALA D 34 -4.80 -18.14 18.84
N GLU D 35 -3.52 -18.13 19.15
CA GLU D 35 -2.85 -16.89 19.52
C GLU D 35 -2.85 -15.93 18.35
N GLY D 36 -2.50 -16.44 17.18
CA GLY D 36 -2.49 -15.68 15.95
C GLY D 36 -3.83 -14.99 15.78
N ILE D 37 -4.88 -15.78 15.87
CA ILE D 37 -6.24 -15.30 15.65
C ILE D 37 -6.61 -14.25 16.69
N ARG D 38 -6.22 -14.50 17.92
CA ARG D 38 -6.44 -13.53 18.99
C ARG D 38 -5.74 -12.19 18.75
N ALA D 39 -4.55 -12.26 18.16
CA ALA D 39 -3.71 -11.07 17.99
C ALA D 39 -3.86 -10.40 16.63
N ALA D 40 -4.49 -11.09 15.68
CA ALA D 40 -4.45 -10.61 14.31
C ALA D 40 -5.25 -9.31 14.19
N ASP D 41 -4.80 -8.40 13.34
CA ASP D 41 -5.58 -7.22 13.02
C ASP D 41 -6.78 -7.64 12.17
N PRO D 42 -7.86 -6.83 12.19
CA PRO D 42 -9.08 -7.12 11.44
C PRO D 42 -8.85 -7.49 9.97
N GLY D 43 -7.76 -7.01 9.37
CA GLY D 43 -7.53 -7.29 7.96
C GLY D 43 -7.24 -8.75 7.74
N VAL D 44 -6.63 -9.36 8.76
CA VAL D 44 -6.27 -10.77 8.75
C VAL D 44 -7.50 -11.67 8.83
N ILE D 45 -8.35 -11.39 9.81
CA ILE D 45 -9.61 -12.10 9.95
C ILE D 45 -10.42 -11.94 8.66
N PHE D 46 -10.59 -10.70 8.23
CA PHE D 46 -11.33 -10.47 7.00
C PHE D 46 -10.75 -11.30 5.86
N HIS D 47 -9.43 -11.24 5.71
CA HIS D 47 -8.78 -11.93 4.59
C HIS D 47 -8.94 -13.47 4.59
N HIS D 48 -8.71 -14.11 5.74
CA HIS D 48 -8.74 -15.57 5.77
C HIS D 48 -10.15 -16.14 5.91
N VAL D 49 -11.12 -15.27 6.27
CA VAL D 49 -12.50 -15.72 6.40
C VAL D 49 -13.41 -15.22 5.28
N PHE D 50 -13.59 -13.91 5.21
CA PHE D 50 -14.49 -13.32 4.22
C PHE D 50 -13.94 -13.14 2.80
N HIS D 51 -12.67 -12.82 2.66
CA HIS D 51 -12.12 -12.65 1.32
C HIS D 51 -12.21 -13.96 0.48
N VAL D 52 -12.55 -15.07 1.13
CA VAL D 52 -12.64 -16.34 0.42
C VAL D 52 -13.84 -16.38 -0.53
N VAL D 53 -14.75 -15.42 -0.37
CA VAL D 53 -15.88 -15.27 -1.28
C VAL D 53 -15.41 -15.05 -2.71
N PHE D 54 -14.22 -14.46 -2.87
CA PHE D 54 -13.69 -14.24 -4.21
C PHE D 54 -13.18 -15.57 -4.75
N ALA D 55 -13.48 -15.83 -6.02
CA ALA D 55 -13.04 -17.05 -6.69
C ALA D 55 -11.53 -17.12 -6.63
N LYS D 56 -10.90 -15.96 -6.84
CA LYS D 56 -9.45 -15.75 -6.77
C LYS D 56 -8.87 -16.50 -5.59
N HIS D 57 -9.33 -16.11 -4.41
CA HIS D 57 -9.00 -16.75 -3.13
C HIS D 57 -9.68 -18.11 -3.18
N LEU D 58 -8.87 -19.16 -3.19
CA LEU D 58 -9.33 -20.44 -3.70
C LEU D 58 -10.23 -21.10 -2.71
N LEU D 59 -11.21 -21.79 -3.27
CA LEU D 59 -12.26 -22.35 -2.44
C LEU D 59 -12.68 -23.80 -2.85
N HIS D 60 -13.12 -24.56 -1.85
CA HIS D 60 -13.22 -25.99 -1.88
C HIS D 60 -14.53 -26.38 -1.24
N PRO D 61 -15.12 -27.47 -1.67
CA PRO D 61 -16.46 -27.77 -1.24
C PRO D 61 -16.81 -27.77 0.24
N TYR D 62 -16.12 -28.44 1.14
CA TYR D 62 -16.53 -28.29 2.51
C TYR D 62 -15.71 -27.37 3.44
N TYR D 63 -14.73 -26.67 2.89
CA TYR D 63 -13.99 -25.63 3.62
C TYR D 63 -14.44 -24.22 3.25
N THR D 64 -15.00 -23.51 4.22
CA THR D 64 -15.50 -22.15 4.02
C THR D 64 -14.53 -20.99 4.39
N ASN D 65 -13.41 -21.33 5.02
CA ASN D 65 -12.38 -20.34 5.34
C ASN D 65 -10.98 -20.98 5.39
N ASP D 66 -9.96 -20.12 5.34
CA ASP D 66 -8.59 -20.61 5.32
C ASP D 66 -8.20 -21.39 6.57
N PHE D 67 -8.78 -21.04 7.72
CA PHE D 67 -8.44 -21.73 8.95
C PHE D 67 -8.88 -23.18 8.90
N ALA D 68 -10.16 -23.40 8.60
CA ALA D 68 -10.66 -24.75 8.42
C ALA D 68 -9.84 -25.53 7.40
N ARG D 69 -9.52 -24.92 6.27
CA ARG D 69 -8.73 -25.63 5.27
C ARG D 69 -7.40 -26.10 5.83
N TRP D 70 -6.75 -25.21 6.55
CA TRP D 70 -5.48 -25.53 7.17
C TRP D 70 -5.63 -26.66 8.19
N VAL D 71 -6.61 -26.56 9.09
CA VAL D 71 -6.77 -27.57 10.12
C VAL D 71 -7.09 -28.94 9.52
N GLY D 72 -7.91 -28.95 8.48
CA GLY D 72 -8.30 -30.16 7.79
C GLY D 72 -7.20 -30.82 6.99
N GLU D 73 -6.52 -30.05 6.15
CA GLU D 73 -5.46 -30.59 5.30
C GLU D 73 -4.13 -30.80 6.01
N GLU D 74 -3.69 -29.77 6.71
CA GLU D 74 -2.40 -29.80 7.38
C GLU D 74 -2.40 -30.45 8.77
N LEU D 75 -3.52 -30.41 9.50
CA LEU D 75 -3.63 -31.14 10.76
C LEU D 75 -4.45 -32.43 10.67
N ASN D 76 -4.96 -32.69 9.47
CA ASN D 76 -5.79 -33.85 9.20
C ASN D 76 -6.88 -34.05 10.22
N ASP D 77 -7.49 -32.95 10.65
CA ASP D 77 -8.49 -33.02 11.69
C ASP D 77 -9.86 -32.53 11.16
N ASP D 78 -10.73 -33.48 10.83
CA ASP D 78 -11.91 -33.21 10.01
C ASP D 78 -13.05 -32.67 10.82
N ASP D 79 -13.28 -33.25 11.99
CA ASP D 79 -14.36 -32.80 12.85
C ASP D 79 -14.15 -31.31 13.17
N LEU D 80 -12.94 -30.97 13.63
CA LEU D 80 -12.61 -29.58 13.95
C LEU D 80 -12.75 -28.70 12.70
N ALA D 81 -12.31 -29.19 11.55
CA ALA D 81 -12.42 -28.41 10.32
C ALA D 81 -13.87 -28.12 9.95
N ILE D 82 -14.74 -29.08 10.22
CA ILE D 82 -16.17 -28.98 9.98
C ILE D 82 -16.73 -27.90 10.87
N GLU D 83 -16.45 -28.04 12.16
CA GLU D 83 -16.84 -27.07 13.16
C GLU D 83 -16.39 -25.67 12.73
N LEU D 84 -15.14 -25.58 12.26
CA LEU D 84 -14.53 -24.33 11.85
C LEU D 84 -15.21 -23.73 10.62
N SER D 85 -15.75 -24.59 9.75
CA SER D 85 -16.42 -24.10 8.54
C SER D 85 -17.85 -23.70 8.83
N SER D 86 -18.38 -24.13 9.96
CA SER D 86 -19.79 -23.94 10.26
C SER D 86 -20.13 -22.58 10.84
N ILE D 87 -19.10 -21.80 11.10
CA ILE D 87 -19.23 -20.43 11.58
C ILE D 87 -20.01 -19.55 10.59
N SER D 88 -21.01 -18.84 11.09
CA SER D 88 -21.89 -18.05 10.21
C SER D 88 -21.36 -16.64 10.00
N GLY D 89 -21.41 -16.22 8.75
CA GLY D 89 -21.00 -14.88 8.40
C GLY D 89 -22.18 -14.03 8.01
N ALA D 90 -23.40 -14.50 8.30
CA ALA D 90 -24.58 -13.68 8.01
C ALA D 90 -24.64 -12.49 8.96
N GLU D 91 -25.28 -11.42 8.51
CA GLU D 91 -25.47 -10.27 9.37
C GLU D 91 -26.19 -10.69 10.66
N PRO D 92 -26.01 -9.89 11.71
CA PRO D 92 -25.13 -8.73 11.63
C PRO D 92 -23.72 -9.07 12.06
N ALA D 93 -23.15 -10.16 11.56
CA ALA D 93 -21.85 -10.58 12.04
C ALA D 93 -20.76 -9.68 11.47
N THR D 94 -19.89 -9.19 12.34
CA THR D 94 -18.68 -8.50 11.93
C THR D 94 -17.41 -9.35 12.10
N VAL D 95 -16.29 -8.71 11.82
CA VAL D 95 -14.98 -9.33 11.94
C VAL D 95 -14.72 -9.76 13.39
N GLU D 96 -15.11 -8.93 14.36
CA GLU D 96 -14.91 -9.28 15.76
C GLU D 96 -15.74 -10.48 16.19
N ASP D 97 -17.00 -10.49 15.78
CA ASP D 97 -17.87 -11.62 16.07
C ASP D 97 -17.23 -12.91 15.57
N VAL D 98 -16.85 -12.90 14.30
CA VAL D 98 -16.16 -14.04 13.71
C VAL D 98 -14.86 -14.43 14.45
N ARG D 99 -14.04 -13.45 14.79
CA ARG D 99 -12.85 -13.74 15.57
C ARG D 99 -13.26 -14.51 16.81
N ARG D 100 -14.30 -14.04 17.50
CA ARG D 100 -14.66 -14.72 18.74
C ARG D 100 -15.30 -16.09 18.54
N GLU D 101 -16.03 -16.30 17.45
CA GLU D 101 -16.63 -17.62 17.21
C GLU D 101 -15.51 -18.64 16.90
N LEU D 102 -14.54 -18.19 16.10
CA LEU D 102 -13.35 -18.98 15.81
C LEU D 102 -12.58 -19.39 17.07
N LEU D 103 -12.24 -18.39 17.88
CA LEU D 103 -11.60 -18.67 19.17
C LEU D 103 -12.46 -19.63 20.01
N ALA D 104 -13.77 -19.46 19.98
CA ALA D 104 -14.65 -20.35 20.74
C ALA D 104 -14.55 -21.82 20.31
N VAL D 105 -14.45 -22.05 19.00
CA VAL D 105 -14.24 -23.40 18.47
C VAL D 105 -12.82 -23.94 18.74
N LEU D 106 -11.84 -23.05 18.78
CA LEU D 106 -10.46 -23.47 18.94
C LEU D 106 -10.00 -23.79 20.35
N GLU D 107 -10.36 -22.94 21.31
CA GLU D 107 -9.70 -22.97 22.63
C GLU D 107 -9.76 -24.28 23.41
N PRO D 108 -10.98 -24.87 23.53
CA PRO D 108 -11.00 -26.17 24.21
C PRO D 108 -10.07 -27.16 23.55
N ARG D 109 -10.03 -27.04 22.22
CA ARG D 109 -9.40 -27.98 21.28
C ARG D 109 -7.86 -27.86 21.10
N ALA D 110 -7.31 -26.75 21.58
CA ALA D 110 -5.97 -26.34 21.26
C ALA D 110 -4.91 -27.31 21.79
N ASP D 111 -3.93 -27.62 20.95
CA ASP D 111 -2.80 -28.46 21.36
C ASP D 111 -1.50 -28.12 20.62
N GLU D 112 -0.40 -28.82 20.96
CA GLU D 112 0.90 -28.44 20.37
C GLU D 112 1.35 -29.32 19.18
N ARG D 113 0.53 -30.30 18.77
CA ARG D 113 0.84 -31.22 17.66
C ARG D 113 1.16 -30.40 16.43
N ALA D 114 2.25 -30.73 15.76
CA ALA D 114 2.72 -29.92 14.64
C ALA D 114 2.01 -30.32 13.34
N ALA D 115 1.69 -29.31 12.52
CA ALA D 115 1.10 -29.45 11.19
C ALA D 115 2.27 -29.49 10.23
N ARG D 116 2.14 -30.17 9.11
CA ARG D 116 3.31 -30.26 8.26
C ARG D 116 3.57 -29.02 7.44
N ARG D 117 2.56 -28.18 7.27
CA ARG D 117 2.79 -26.95 6.54
C ARG D 117 2.32 -25.84 7.48
N GLU D 118 3.18 -24.90 7.81
CA GLU D 118 2.77 -23.78 8.66
C GLU D 118 1.67 -22.91 8.07
N PHE D 119 0.83 -22.37 8.94
CA PHE D 119 -0.15 -21.38 8.52
C PHE D 119 0.50 -19.99 8.52
N VAL D 120 0.39 -19.31 7.38
CA VAL D 120 0.93 -17.97 7.19
C VAL D 120 -0.18 -16.91 7.30
N PHE D 121 -0.11 -16.06 8.31
CA PHE D 121 -1.13 -15.01 8.48
C PHE D 121 -0.92 -13.84 7.50
N VAL D 122 -1.97 -13.53 6.75
CA VAL D 122 -1.92 -12.47 5.76
C VAL D 122 -3.03 -11.47 6.03
N SER D 123 -2.76 -10.19 5.83
CA SER D 123 -3.75 -9.14 6.07
C SER D 123 -4.19 -8.51 4.74
N MET D 124 -5.43 -8.03 4.68
CA MET D 124 -5.93 -7.32 3.49
C MET D 124 -6.18 -5.88 3.94
N VAL D 125 -5.71 -4.92 3.16
CA VAL D 125 -6.24 -3.56 3.25
C VAL D 125 -6.96 -3.20 1.97
N PRO D 126 -8.22 -2.79 2.08
CA PRO D 126 -8.87 -2.44 0.81
C PRO D 126 -8.41 -1.08 0.31
N ILE D 127 -8.20 -0.97 -0.99
CA ILE D 127 -8.02 0.31 -1.62
C ILE D 127 -9.29 0.57 -2.41
N VAL D 128 -10.12 1.45 -1.88
CA VAL D 128 -11.46 1.70 -2.37
C VAL D 128 -11.45 2.71 -3.51
N TYR D 129 -12.29 2.49 -4.50
CA TYR D 129 -12.44 3.43 -5.59
C TYR D 129 -13.90 3.46 -6.06
N GLU D 130 -14.27 4.48 -6.82
CA GLU D 130 -15.64 4.61 -7.33
C GLU D 130 -15.78 3.88 -8.67
N VAL D 131 -16.86 3.13 -8.83
CA VAL D 131 -17.08 2.39 -10.07
C VAL D 131 -17.76 3.24 -11.13
N GLY D 132 -18.23 4.42 -10.74
CA GLY D 132 -18.97 5.29 -11.64
C GLY D 132 -20.44 4.92 -11.83
N LEU D 133 -21.11 4.57 -10.74
CA LEU D 133 -22.56 4.40 -10.74
C LEU D 133 -23.14 5.13 -9.52
N LYS D 134 -24.09 6.02 -9.76
CA LYS D 134 -24.83 6.66 -8.68
C LYS D 134 -26.31 6.44 -8.90
N ALA D 135 -27.06 6.31 -7.80
CA ALA D 135 -28.51 6.10 -7.91
C ALA D 135 -29.28 7.02 -6.98
N GLU D 136 -30.10 7.87 -7.59
CA GLU D 136 -31.01 8.77 -6.88
C GLU D 136 -32.35 8.11 -6.50
N THR D 137 -32.85 7.24 -7.37
CA THR D 137 -34.16 6.62 -7.19
C THR D 137 -34.09 5.11 -7.06
N LEU D 138 -35.18 4.53 -6.55
CA LEU D 138 -35.26 3.10 -6.36
C LEU D 138 -34.97 2.33 -7.65
N ALA D 139 -35.56 2.78 -8.75
CA ALA D 139 -35.34 2.12 -10.05
C ALA D 139 -33.89 2.26 -10.50
N GLU D 140 -33.35 3.48 -10.45
CA GLU D 140 -31.92 3.70 -10.69
C GLU D 140 -31.11 2.75 -9.82
N PHE D 141 -31.53 2.56 -8.58
CA PHE D 141 -30.78 1.67 -7.70
C PHE D 141 -30.75 0.23 -8.21
N LEU D 142 -31.92 -0.31 -8.54
CA LEU D 142 -32.01 -1.67 -9.07
C LEU D 142 -31.18 -1.83 -10.31
N ASP D 143 -31.28 -0.85 -11.20
CA ASP D 143 -30.48 -0.85 -12.43
C ASP D 143 -28.98 -0.89 -12.14
N ALA D 144 -28.54 -0.05 -11.21
CA ALA D 144 -27.11 0.15 -10.88
C ALA D 144 -26.51 -1.04 -10.15
N VAL D 145 -27.23 -1.60 -9.21
CA VAL D 145 -26.77 -2.77 -8.51
C VAL D 145 -26.64 -3.91 -9.53
N ALA D 146 -27.61 -4.09 -10.42
CA ALA D 146 -27.43 -5.12 -11.44
C ALA D 146 -26.23 -4.82 -12.35
N ALA D 147 -25.98 -3.54 -12.60
CA ALA D 147 -24.91 -3.13 -13.50
C ALA D 147 -23.54 -3.13 -12.82
N ALA D 148 -23.56 -3.09 -11.49
CA ALA D 148 -22.35 -3.06 -10.68
C ALA D 148 -21.51 -4.32 -10.86
N PRO D 149 -20.18 -4.15 -10.95
CA PRO D 149 -19.26 -5.29 -11.05
C PRO D 149 -19.41 -6.18 -9.83
N PRO D 150 -19.25 -7.50 -9.98
CA PRO D 150 -19.33 -8.47 -8.87
C PRO D 150 -18.48 -8.07 -7.67
N GLU D 151 -17.34 -7.46 -7.94
CA GLU D 151 -16.47 -6.98 -6.86
C GLU D 151 -17.02 -5.76 -6.15
N SER D 152 -17.81 -4.94 -6.84
CA SER D 152 -18.43 -3.79 -6.18
C SER D 152 -19.57 -4.23 -5.25
N VAL D 153 -20.34 -5.19 -5.73
CA VAL D 153 -21.42 -5.77 -4.92
C VAL D 153 -20.83 -6.49 -3.72
N ALA D 154 -19.79 -7.29 -3.93
CA ALA D 154 -19.06 -7.86 -2.79
C ALA D 154 -18.61 -6.76 -1.85
N TYR D 155 -18.11 -5.67 -2.40
CA TYR D 155 -17.58 -4.62 -1.54
C TYR D 155 -18.65 -4.08 -0.60
N HIS D 156 -19.79 -3.70 -1.16
CA HIS D 156 -20.82 -3.11 -0.29
C HIS D 156 -21.53 -4.14 0.57
N PHE D 157 -21.60 -5.38 0.07
CA PHE D 157 -22.37 -6.39 0.77
C PHE D 157 -21.55 -7.02 1.87
N VAL D 158 -20.29 -7.29 1.57
CA VAL D 158 -19.42 -7.96 2.52
C VAL D 158 -18.43 -7.04 3.20
N THR D 159 -17.48 -6.54 2.43
CA THR D 159 -16.37 -5.76 3.00
C THR D 159 -16.85 -4.63 3.86
N ALA D 160 -17.72 -3.79 3.32
CA ALA D 160 -18.16 -2.59 4.02
C ALA D 160 -18.89 -2.90 5.31
N ARG D 161 -19.56 -4.05 5.35
CA ARG D 161 -20.26 -4.49 6.54
C ARG D 161 -19.40 -5.24 7.55
N VAL D 162 -18.62 -6.24 7.11
CA VAL D 162 -17.85 -7.00 8.09
C VAL D 162 -16.64 -6.21 8.65
N LEU D 163 -15.94 -5.52 7.79
CA LEU D 163 -14.71 -4.87 8.20
C LEU D 163 -15.03 -3.54 8.89
N TYR D 164 -15.58 -2.60 8.13
CA TYR D 164 -15.82 -1.24 8.64
C TYR D 164 -17.03 -1.00 9.52
N GLY D 165 -17.94 -1.96 9.60
CA GLY D 165 -19.34 -1.60 9.77
C GLY D 165 -20.14 -2.36 10.79
N ASN D 166 -21.44 -2.10 10.85
CA ASN D 166 -22.24 -2.58 11.95
C ASN D 166 -22.74 -3.99 11.78
N GLY D 167 -22.42 -4.61 10.65
CA GLY D 167 -23.07 -5.86 10.31
C GLY D 167 -24.42 -5.57 9.68
N ARG D 168 -24.46 -4.45 8.98
CA ARG D 168 -25.52 -4.18 8.03
C ARG D 168 -24.88 -3.72 6.73
N ASN D 169 -25.22 -4.36 5.62
CA ASN D 169 -24.62 -4.03 4.31
C ASN D 169 -25.11 -2.65 3.85
N ASP D 170 -24.30 -1.97 3.04
CA ASP D 170 -24.65 -0.61 2.58
C ASP D 170 -26.01 -0.52 1.87
N PHE D 171 -26.38 -1.56 1.11
CA PHE D 171 -27.68 -1.54 0.42
C PHE D 171 -28.80 -1.49 1.43
N SER D 172 -28.82 -2.45 2.35
CA SER D 172 -29.84 -2.52 3.38
C SER D 172 -29.94 -1.20 4.12
N ARG D 173 -28.81 -0.64 4.54
CA ARG D 173 -28.91 0.65 5.24
C ARG D 173 -29.40 1.82 4.38
N TRP D 174 -28.94 1.93 3.14
CA TRP D 174 -29.50 2.95 2.23
C TRP D 174 -31.01 2.77 2.03
N LEU D 175 -31.42 1.54 1.78
CA LEU D 175 -32.81 1.25 1.47
C LEU D 175 -33.70 1.62 2.65
N VAL D 176 -33.28 1.23 3.85
CA VAL D 176 -34.04 1.53 5.06
C VAL D 176 -34.01 3.02 5.37
N GLU D 177 -32.81 3.59 5.46
CA GLU D 177 -32.63 5.01 5.65
C GLU D 177 -33.56 5.86 4.75
N GLU D 178 -33.38 5.78 3.44
CA GLU D 178 -34.12 6.64 2.52
C GLU D 178 -35.58 6.23 2.29
N PHE D 179 -35.82 4.95 2.01
CA PHE D 179 -37.17 4.46 1.69
C PHE D 179 -37.91 3.66 2.77
N GLY D 180 -37.27 3.44 3.91
CA GLY D 180 -37.85 2.61 4.96
C GLY D 180 -38.30 1.23 4.51
N LEU D 181 -37.53 0.55 3.67
CA LEU D 181 -37.94 -0.78 3.21
C LEU D 181 -37.19 -1.82 4.00
N THR D 182 -37.86 -2.38 4.99
CA THR D 182 -37.20 -3.24 5.95
C THR D 182 -37.31 -4.71 5.58
N SER D 183 -38.20 -5.01 4.66
CA SER D 183 -38.37 -6.39 4.20
C SER D 183 -37.21 -6.80 3.30
N ALA D 184 -36.86 -5.91 2.38
CA ALA D 184 -35.66 -6.02 1.56
C ALA D 184 -34.45 -6.23 2.48
N ALA D 185 -34.31 -5.36 3.47
CA ALA D 185 -33.18 -5.45 4.37
C ALA D 185 -33.15 -6.81 5.04
N ASP D 186 -34.33 -7.34 5.36
CA ASP D 186 -34.41 -8.66 5.99
C ASP D 186 -33.96 -9.78 5.08
N ALA D 187 -34.58 -9.85 3.90
CA ALA D 187 -34.23 -10.85 2.90
C ALA D 187 -32.72 -10.86 2.66
N LEU D 188 -32.14 -9.67 2.47
CA LEU D 188 -30.69 -9.55 2.32
C LEU D 188 -29.99 -10.11 3.54
N SER D 189 -30.46 -9.78 4.73
CA SER D 189 -29.78 -10.29 5.93
C SER D 189 -29.83 -11.81 6.05
N ARG D 190 -30.68 -12.46 5.25
CA ARG D 190 -30.67 -13.93 5.24
C ARG D 190 -29.54 -14.56 4.41
N ILE D 191 -28.79 -13.74 3.66
CA ILE D 191 -27.68 -14.26 2.84
C ILE D 191 -26.37 -14.37 3.62
N ASP D 192 -25.84 -15.59 3.72
CA ASP D 192 -24.54 -15.81 4.33
C ASP D 192 -23.48 -15.92 3.23
N PRO D 193 -22.65 -14.86 3.12
CA PRO D 193 -21.68 -14.82 2.02
C PRO D 193 -20.76 -16.02 1.99
N LEU D 194 -20.52 -16.61 3.17
CA LEU D 194 -19.59 -17.74 3.31
C LEU D 194 -20.02 -18.99 2.56
N ILE D 195 -21.28 -19.02 2.16
CA ILE D 195 -21.82 -20.10 1.35
C ILE D 195 -21.35 -19.99 -0.10
N TYR D 196 -20.85 -18.82 -0.47
CA TYR D 196 -20.41 -18.60 -1.84
C TYR D 196 -18.91 -18.68 -2.02
N ASN D 197 -18.52 -19.38 -3.08
CA ASN D 197 -17.13 -19.57 -3.49
C ASN D 197 -16.65 -18.46 -4.41
N ASP D 198 -17.59 -17.88 -5.15
CA ASP D 198 -17.26 -16.73 -5.97
C ASP D 198 -18.18 -15.53 -5.80
N GLU D 199 -17.65 -14.38 -6.18
CA GLU D 199 -18.38 -13.14 -6.08
C GLU D 199 -19.58 -13.07 -7.03
N ARG D 200 -19.53 -13.81 -8.14
CA ARG D 200 -20.59 -13.75 -9.15
C ARG D 200 -21.87 -14.39 -8.67
N GLN D 201 -21.71 -15.47 -7.92
CA GLN D 201 -22.86 -16.16 -7.36
C GLN D 201 -23.48 -15.32 -6.26
N LEU D 202 -22.63 -14.74 -5.41
CA LEU D 202 -23.11 -13.79 -4.42
C LEU D 202 -23.90 -12.68 -5.09
N LYS D 203 -23.30 -12.03 -6.07
CA LYS D 203 -24.00 -10.98 -6.82
C LYS D 203 -25.35 -11.51 -7.28
N SER D 204 -25.32 -12.68 -7.90
CA SER D 204 -26.51 -13.29 -8.45
C SER D 204 -27.61 -13.31 -7.39
N GLU D 205 -27.24 -13.79 -6.21
CA GLU D 205 -28.16 -13.97 -5.10
C GLU D 205 -28.70 -12.62 -4.57
N VAL D 206 -27.82 -11.64 -4.44
CA VAL D 206 -28.20 -10.35 -3.90
C VAL D 206 -29.11 -9.58 -4.86
N VAL D 207 -28.72 -9.54 -6.12
CA VAL D 207 -29.52 -8.84 -7.10
C VAL D 207 -30.87 -9.54 -7.15
N ARG D 208 -30.88 -10.85 -7.31
CA ARG D 208 -32.15 -11.58 -7.40
C ARG D 208 -33.01 -11.18 -6.22
N THR D 209 -32.46 -11.33 -5.03
CA THR D 209 -33.20 -11.05 -3.82
C THR D 209 -33.82 -9.66 -3.82
N LEU D 210 -33.01 -8.66 -4.11
CA LEU D 210 -33.53 -7.31 -4.19
C LEU D 210 -34.67 -7.24 -5.18
N GLU D 211 -34.55 -7.95 -6.30
CA GLU D 211 -35.52 -7.80 -7.36
C GLU D 211 -36.84 -8.41 -6.91
N ARG D 212 -36.75 -9.58 -6.30
CA ARG D 212 -37.88 -10.20 -5.63
C ARG D 212 -38.57 -9.24 -4.70
N ALA D 213 -37.77 -8.59 -3.86
CA ALA D 213 -38.28 -7.69 -2.84
C ALA D 213 -38.96 -6.44 -3.44
N ASP D 214 -38.24 -5.69 -4.28
CA ASP D 214 -38.74 -4.43 -4.82
C ASP D 214 -39.70 -4.57 -5.99
N SER D 215 -39.32 -5.30 -7.03
CA SER D 215 -40.21 -5.37 -8.18
C SER D 215 -41.40 -6.30 -7.88
N ALA D 216 -41.11 -7.49 -7.36
CA ALA D 216 -42.13 -8.48 -7.04
C ALA D 216 -42.49 -8.53 -5.56
#